data_4XK2
#
_entry.id   4XK2
#
_cell.length_a   105.110
_cell.length_b   105.110
_cell.length_c   479.569
_cell.angle_alpha   90.000
_cell.angle_beta   90.000
_cell.angle_gamma   90.000
#
_symmetry.space_group_name_H-M   'I 4 2 2'
#
loop_
_entity.id
_entity.type
_entity.pdbx_description
1 polymer 'Aldo/keto reductase'
2 non-polymer 'CHLORIDE ION'
3 non-polymer 'SODIUM ION'
4 water water
#
_entity_poly.entity_id   1
_entity_poly.type   'polypeptide(L)'
_entity_poly.pdbx_seq_one_letter_code
;SMEHRYLGNSGFKVPALGFGTGTFGGQGPLFSAWGNTDVAGARRIIDICLDAGVNLFDTADVYSNGASESILGAALKGRR
DKAIVSTKLSLRIGEGPNDVGSSRHHLIAATNAALQRLDTDYIDILQLHAFDAMTPVEQVLGTLDDLVRAGKVRYIGLSN
FSGWQLMKSLAAADRLGLQRYVANQTYYSLIGRDYEWELMPLGIDQGVGAIVWSPLGWGRLTGKIRRGQPLPAGSRLHDT
AGFAPPVDDERLYRVVDAMDEVALETGKTLPQIALNWLLQRPTVASVLIGARDEEQLMQNLGALGWQLTTEQVARLDAAS
AVTPPYPYYPYWNGQFAERSPVAV
;
_entity_poly.pdbx_strand_id   A,B,C
#
loop_
_chem_comp.id
_chem_comp.type
_chem_comp.name
_chem_comp.formula
CL non-polymer 'CHLORIDE ION' 'Cl -1'
NA non-polymer 'SODIUM ION' 'Na 1'
#
# COMPACT_ATOMS: atom_id res chain seq x y z
N SER A 1 -33.57 34.33 5.61
CA SER A 1 -33.31 33.64 6.92
C SER A 1 -31.80 33.47 7.16
N MET A 2 -31.37 33.67 8.39
CA MET A 2 -29.95 33.64 8.70
C MET A 2 -29.43 32.20 8.70
N GLU A 3 -28.27 32.01 8.11
CA GLU A 3 -27.56 30.74 8.15
CA GLU A 3 -27.53 30.76 8.16
C GLU A 3 -26.63 30.75 9.38
N HIS A 4 -26.46 29.58 9.99
CA HIS A 4 -25.59 29.46 11.16
C HIS A 4 -24.55 28.39 10.95
N ARG A 5 -23.37 28.61 11.51
CA ARG A 5 -22.24 27.70 11.31
C ARG A 5 -21.57 27.39 12.64
N TYR A 6 -20.93 26.23 12.71
CA TYR A 6 -20.16 25.87 13.90
C TYR A 6 -18.87 26.66 13.90
N LEU A 7 -18.51 27.19 15.08
CA LEU A 7 -17.29 27.91 15.26
C LEU A 7 -16.17 26.93 15.54
N GLY A 8 -15.42 26.60 14.49
CA GLY A 8 -14.40 25.57 14.61
C GLY A 8 -15.01 24.26 15.11
N ASN A 9 -14.30 23.59 16.00
CA ASN A 9 -14.76 22.33 16.57
C ASN A 9 -15.50 22.52 17.91
N SER A 10 -15.84 23.75 18.25
CA SER A 10 -16.37 24.07 19.57
C SER A 10 -17.77 23.58 19.89
N GLY A 11 -18.56 23.25 18.86
CA GLY A 11 -19.98 22.94 19.03
C GLY A 11 -20.89 24.16 19.20
N PHE A 12 -20.31 25.36 19.20
CA PHE A 12 -21.03 26.62 19.34
C PHE A 12 -21.34 27.15 17.94
N LYS A 13 -22.55 27.67 17.75
CA LYS A 13 -22.97 28.19 16.46
C LYS A 13 -23.00 29.70 16.43
N VAL A 14 -22.54 30.24 15.32
CA VAL A 14 -22.55 31.67 15.05
C VAL A 14 -23.29 31.95 13.77
N PRO A 15 -23.86 33.15 13.64
CA PRO A 15 -24.48 33.50 12.39
C PRO A 15 -23.39 33.68 11.33
N ALA A 16 -23.71 33.32 10.11
CA ALA A 16 -22.75 33.36 9.01
C ALA A 16 -22.30 34.80 8.70
N LEU A 17 -23.15 35.77 9.05
CA LEU A 17 -22.78 37.17 9.01
C LEU A 17 -22.91 37.76 10.39
N GLY A 18 -21.88 38.48 10.78
CA GLY A 18 -21.84 39.18 12.04
C GLY A 18 -21.62 40.65 11.84
N PHE A 19 -21.84 41.41 12.90
CA PHE A 19 -21.77 42.85 12.84
C PHE A 19 -20.49 43.33 13.49
N GLY A 20 -19.65 43.99 12.70
CA GLY A 20 -18.36 44.46 13.17
C GLY A 20 -18.53 45.91 13.54
N THR A 21 -18.35 46.24 14.81
CA THR A 21 -18.42 47.63 15.24
C THR A 21 -17.15 48.37 14.76
N GLY A 22 -16.17 47.64 14.24
CA GLY A 22 -15.01 48.24 13.59
C GLY A 22 -15.31 48.62 12.15
N LEU A 30 -18.06 52.39 12.70
CA LEU A 30 -19.47 52.78 12.83
C LEU A 30 -19.74 53.48 14.18
N PHE A 31 -19.46 52.76 15.26
CA PHE A 31 -19.76 53.21 16.63
C PHE A 31 -18.67 54.17 17.09
N ASP A 38 -24.28 58.34 20.35
CA ASP A 38 -25.66 58.14 19.91
C ASP A 38 -26.18 56.76 20.36
N VAL A 39 -26.72 56.73 21.58
CA VAL A 39 -27.20 55.48 22.17
C VAL A 39 -28.46 54.99 21.46
N ALA A 40 -29.36 55.92 21.12
CA ALA A 40 -30.58 55.58 20.40
C ALA A 40 -30.26 55.01 19.01
N GLY A 41 -29.28 55.59 18.35
CA GLY A 41 -28.85 55.15 17.00
C GLY A 41 -28.27 53.74 17.04
N ALA A 42 -27.47 53.49 18.06
CA ALA A 42 -26.87 52.19 18.27
C ALA A 42 -27.95 51.15 18.61
N ARG A 43 -28.91 51.50 19.45
CA ARG A 43 -30.02 50.58 19.76
C ARG A 43 -30.79 50.21 18.52
N ARG A 44 -30.96 51.20 17.64
CA ARG A 44 -31.71 51.00 16.40
C ARG A 44 -31.00 50.01 15.47
N ILE A 45 -29.69 50.17 15.35
CA ILE A 45 -28.86 49.23 14.54
C ILE A 45 -28.89 47.81 15.10
N ILE A 46 -28.73 47.69 16.41
CA ILE A 46 -28.86 46.40 17.10
C ILE A 46 -30.23 45.80 16.83
N ASP A 47 -31.30 46.61 16.88
CA ASP A 47 -32.66 46.13 16.62
C ASP A 47 -32.80 45.51 15.23
N ILE A 48 -32.30 46.21 14.24
CA ILE A 48 -32.43 45.70 12.86
CA ILE A 48 -32.38 45.76 12.85
C ILE A 48 -31.54 44.48 12.65
N CYS A 49 -30.37 44.47 13.27
CA CYS A 49 -29.49 43.29 13.19
C CYS A 49 -30.17 42.06 13.82
N LEU A 50 -30.67 42.23 15.03
CA LEU A 50 -31.33 41.11 15.74
C LEU A 50 -32.54 40.60 14.97
N ASP A 51 -33.32 41.53 14.39
CA ASP A 51 -34.46 41.17 13.54
CA ASP A 51 -34.46 41.13 13.56
C ASP A 51 -34.04 40.28 12.36
N ALA A 52 -32.87 40.53 11.80
CA ALA A 52 -32.35 39.76 10.65
C ALA A 52 -31.57 38.50 11.03
N GLY A 53 -31.39 38.27 12.32
CA GLY A 53 -30.57 37.15 12.81
C GLY A 53 -29.07 37.43 12.89
N VAL A 54 -28.67 38.66 12.63
CA VAL A 54 -27.28 39.07 12.77
C VAL A 54 -27.07 39.39 14.25
N ASN A 55 -26.79 38.37 15.05
CA ASN A 55 -26.74 38.59 16.50
C ASN A 55 -25.34 38.44 17.10
N LEU A 56 -24.33 38.37 16.26
CA LEU A 56 -22.93 38.42 16.64
C LEU A 56 -22.47 39.83 16.48
N PHE A 57 -21.96 40.43 17.57
CA PHE A 57 -21.45 41.77 17.58
C PHE A 57 -20.01 41.76 18.05
N ASP A 58 -19.13 42.29 17.21
CA ASP A 58 -17.70 42.25 17.44
C ASP A 58 -17.19 43.64 17.76
N THR A 59 -16.37 43.72 18.80
CA THR A 59 -15.81 44.99 19.23
C THR A 59 -14.41 44.75 19.78
N ALA A 60 -13.81 45.82 20.28
CA ALA A 60 -12.47 45.77 20.83
C ALA A 60 -12.27 46.95 21.72
N ASP A 61 -11.37 46.80 22.68
CA ASP A 61 -11.10 47.93 23.59
C ASP A 61 -10.54 49.17 22.86
N VAL A 62 -9.73 48.92 21.84
CA VAL A 62 -9.13 50.00 21.06
C VAL A 62 -10.09 50.72 20.10
N TYR A 63 -11.27 50.19 19.82
CA TYR A 63 -12.21 50.89 18.98
C TYR A 63 -12.74 52.13 19.73
N SER A 64 -12.30 53.30 19.26
CA SER A 64 -12.60 54.61 19.89
C SER A 64 -12.32 54.66 21.38
N ASN A 65 -11.20 54.08 21.78
CA ASN A 65 -10.71 54.14 23.14
C ASN A 65 -11.75 53.68 24.17
N GLY A 66 -12.43 52.59 23.87
CA GLY A 66 -13.41 52.05 24.80
C GLY A 66 -14.84 52.45 24.52
N ALA A 67 -15.05 53.47 23.71
CA ALA A 67 -16.40 54.01 23.51
C ALA A 67 -17.26 53.01 22.73
N SER A 68 -16.64 52.30 21.80
CA SER A 68 -17.37 51.26 21.03
C SER A 68 -17.98 50.21 21.99
N GLU A 69 -17.19 49.69 22.92
CA GLU A 69 -17.71 48.72 23.90
C GLU A 69 -18.82 49.31 24.78
N SER A 70 -18.64 50.55 25.23
CA SER A 70 -19.67 51.22 26.04
C SER A 70 -20.98 51.41 25.29
N ILE A 71 -20.87 51.83 24.03
CA ILE A 71 -22.04 52.05 23.19
C ILE A 71 -22.75 50.73 22.91
N LEU A 72 -21.97 49.70 22.60
CA LEU A 72 -22.53 48.38 22.37
C LEU A 72 -23.25 47.88 23.62
N GLY A 73 -22.63 48.06 24.77
CA GLY A 73 -23.25 47.64 26.03
C GLY A 73 -24.58 48.33 26.28
N ALA A 74 -24.60 49.65 26.05
CA ALA A 74 -25.83 50.42 26.18
C ALA A 74 -26.89 49.97 25.16
N ALA A 75 -26.47 49.67 23.94
CA ALA A 75 -27.38 49.21 22.88
C ALA A 75 -27.98 47.83 23.14
N LEU A 76 -27.23 46.99 23.84
CA LEU A 76 -27.69 45.64 24.17
C LEU A 76 -28.46 45.53 25.47
N LYS A 77 -28.39 46.55 26.30
CA LYS A 77 -29.01 46.48 27.63
C LYS A 77 -30.49 46.14 27.52
N GLY A 78 -30.89 45.14 28.32
CA GLY A 78 -32.25 44.60 28.36
C GLY A 78 -32.47 43.35 27.51
N ARG A 79 -31.49 43.00 26.71
CA ARG A 79 -31.58 41.90 25.74
C ARG A 79 -30.23 41.28 25.40
N ARG A 80 -29.30 41.42 26.31
CA ARG A 80 -27.94 40.97 26.04
C ARG A 80 -27.92 39.47 25.77
N ASP A 81 -28.86 38.76 26.39
CA ASP A 81 -29.00 37.32 26.23
C ASP A 81 -29.35 36.87 24.79
N LYS A 82 -29.78 37.80 23.95
CA LYS A 82 -30.07 37.51 22.53
C LYS A 82 -28.89 37.71 21.62
N ALA A 83 -27.78 38.20 22.19
CA ALA A 83 -26.58 38.52 21.42
C ALA A 83 -25.40 37.61 21.76
N ILE A 84 -24.52 37.47 20.79
CA ILE A 84 -23.21 36.86 20.96
C ILE A 84 -22.23 38.01 20.89
N VAL A 85 -21.56 38.29 22.00
CA VAL A 85 -20.61 39.41 22.10
C VAL A 85 -19.19 38.89 21.97
N SER A 86 -18.50 39.41 20.97
CA SER A 86 -17.12 39.05 20.65
C SER A 86 -16.30 40.31 20.94
N THR A 87 -15.28 40.19 21.78
CA THR A 87 -14.37 41.30 21.98
C THR A 87 -12.91 40.89 22.00
N LYS A 88 -12.08 41.89 21.75
CA LYS A 88 -10.64 41.72 21.57
C LYS A 88 -9.93 42.63 22.55
N LEU A 89 -8.81 42.13 23.05
CA LEU A 89 -7.91 42.93 23.86
C LEU A 89 -6.49 42.46 23.66
N SER A 90 -5.57 43.25 24.21
CA SER A 90 -4.13 43.07 24.28
C SER A 90 -3.33 44.13 23.47
N LEU A 91 -3.98 44.89 22.59
CA LEU A 91 -3.29 46.02 21.95
C LEU A 91 -3.15 47.15 22.95
N ARG A 92 -2.23 48.08 22.66
CA ARG A 92 -1.96 49.15 23.57
C ARG A 92 -3.19 50.02 23.70
N ILE A 93 -3.62 50.22 24.92
CA ILE A 93 -4.86 50.95 25.19
C ILE A 93 -4.63 52.15 26.12
N GLY A 94 -3.38 52.40 26.45
CA GLY A 94 -3.02 53.51 27.32
C GLY A 94 -1.53 53.78 27.21
N GLU A 95 -1.05 54.76 27.98
CA GLU A 95 0.36 55.13 27.90
C GLU A 95 1.22 54.36 28.91
N GLY A 96 0.58 53.67 29.84
CA GLY A 96 1.30 52.95 30.91
C GLY A 96 2.08 51.73 30.39
N PRO A 97 3.12 51.35 31.11
CA PRO A 97 3.92 50.22 30.65
C PRO A 97 3.18 48.87 30.64
N ASN A 98 2.11 48.76 31.40
CA ASN A 98 1.32 47.55 31.44
C ASN A 98 -0.06 47.70 30.83
N ASP A 99 -0.26 48.76 30.04
CA ASP A 99 -1.54 49.02 29.34
C ASP A 99 -1.52 48.38 27.94
N VAL A 100 -1.02 47.16 27.86
CA VAL A 100 -0.75 46.49 26.59
C VAL A 100 -0.39 45.04 26.90
N GLY A 101 -0.49 44.16 25.90
CA GLY A 101 -0.03 42.78 25.99
C GLY A 101 -0.96 41.80 26.66
N SER A 102 -0.43 40.60 26.91
CA SER A 102 -1.23 39.50 27.39
C SER A 102 -0.76 38.99 28.74
N SER A 103 0.06 39.76 29.44
CA SER A 103 0.48 39.35 30.76
C SER A 103 -0.72 39.38 31.70
N ARG A 104 -0.62 38.64 32.80
N ARG A 104 -0.62 38.64 32.80
CA ARG A 104 -1.76 38.43 33.66
CA ARG A 104 -1.77 38.43 33.65
C ARG A 104 -2.38 39.74 34.12
C ARG A 104 -2.38 39.74 34.12
N HIS A 105 -1.55 40.69 34.52
CA HIS A 105 -2.02 41.99 34.99
C HIS A 105 -2.98 42.67 33.98
N HIS A 106 -2.52 42.80 32.75
CA HIS A 106 -3.31 43.48 31.76
C HIS A 106 -4.52 42.67 31.32
N LEU A 107 -4.37 41.36 31.20
CA LEU A 107 -5.50 40.52 30.77
C LEU A 107 -6.66 40.56 31.74
N ILE A 108 -6.35 40.47 33.02
CA ILE A 108 -7.37 40.56 34.05
C ILE A 108 -8.00 41.94 34.07
N ALA A 109 -7.17 42.98 34.13
CA ALA A 109 -7.68 44.36 34.20
C ALA A 109 -8.53 44.67 32.99
N ALA A 110 -8.04 44.31 31.81
CA ALA A 110 -8.73 44.63 30.57
C ALA A 110 -10.03 43.86 30.42
N THR A 111 -10.03 42.59 30.83
CA THR A 111 -11.26 41.79 30.74
C THR A 111 -12.33 42.39 31.66
N ASN A 112 -11.96 42.71 32.88
CA ASN A 112 -12.89 43.35 33.82
C ASN A 112 -13.38 44.71 33.34
N ALA A 113 -12.47 45.49 32.75
CA ALA A 113 -12.84 46.79 32.17
C ALA A 113 -13.83 46.63 31.01
N ALA A 114 -13.63 45.62 30.16
CA ALA A 114 -14.53 45.37 29.06
C ALA A 114 -15.91 44.96 29.58
N LEU A 115 -15.94 44.13 30.61
CA LEU A 115 -17.21 43.69 31.21
C LEU A 115 -17.99 44.90 31.77
N GLN A 116 -17.25 45.82 32.38
CA GLN A 116 -17.85 47.05 32.94
C GLN A 116 -18.42 47.92 31.81
N ARG A 117 -17.65 48.13 30.75
CA ARG A 117 -18.10 48.93 29.61
C ARG A 117 -19.29 48.30 28.88
N LEU A 118 -19.21 46.99 28.68
CA LEU A 118 -20.28 46.24 28.03
C LEU A 118 -21.51 46.08 28.95
N ASP A 119 -21.35 46.37 30.23
CA ASP A 119 -22.42 46.29 31.23
C ASP A 119 -23.02 44.88 31.31
N THR A 120 -22.14 43.88 31.31
CA THR A 120 -22.58 42.49 31.34
C THR A 120 -21.64 41.68 32.24
N ASP A 121 -22.08 40.49 32.62
N ASP A 121 -22.09 40.50 32.63
CA ASP A 121 -21.29 39.61 33.47
CA ASP A 121 -21.27 39.63 33.49
C ASP A 121 -20.44 38.62 32.71
C ASP A 121 -20.44 38.63 32.71
N TYR A 122 -20.64 38.52 31.41
CA TYR A 122 -19.82 37.61 30.59
C TYR A 122 -19.70 38.08 29.13
N ILE A 123 -18.64 37.60 28.50
CA ILE A 123 -18.33 37.81 27.10
C ILE A 123 -18.40 36.45 26.42
N ASP A 124 -19.04 36.38 25.26
CA ASP A 124 -19.18 35.09 24.59
C ASP A 124 -17.85 34.61 23.98
N ILE A 125 -17.16 35.52 23.30
CA ILE A 125 -15.89 35.17 22.65
C ILE A 125 -14.89 36.26 22.97
N LEU A 126 -13.87 35.91 23.73
CA LEU A 126 -12.79 36.82 24.04
C LEU A 126 -11.55 36.44 23.20
N GLN A 127 -11.05 37.38 22.44
CA GLN A 127 -9.91 37.13 21.53
C GLN A 127 -8.72 38.00 21.84
N LEU A 128 -7.54 37.39 21.84
CA LEU A 128 -6.31 38.16 21.91
C LEU A 128 -6.08 38.80 20.55
N HIS A 129 -5.83 40.08 20.56
CA HIS A 129 -5.84 40.92 19.35
C HIS A 129 -4.54 40.81 18.55
N ALA A 130 -3.47 40.44 19.23
CA ALA A 130 -2.16 40.21 18.61
C ALA A 130 -1.34 39.26 19.46
N PHE A 131 -0.25 38.74 18.91
CA PHE A 131 0.61 37.86 19.66
C PHE A 131 1.58 38.64 20.53
N ASP A 132 1.57 38.34 21.82
CA ASP A 132 2.52 38.93 22.78
C ASP A 132 3.64 37.94 23.02
N ALA A 133 4.76 38.12 22.34
CA ALA A 133 5.87 37.22 22.51
C ALA A 133 6.54 37.37 23.88
N MET A 134 6.21 38.42 24.62
CA MET A 134 6.88 38.70 25.90
C MET A 134 6.24 37.95 27.07
N THR A 135 5.07 37.34 26.87
CA THR A 135 4.39 36.59 27.92
C THR A 135 4.34 35.10 27.52
N PRO A 136 4.69 34.18 28.42
CA PRO A 136 4.65 32.76 28.03
C PRO A 136 3.24 32.32 27.69
N VAL A 137 3.09 31.52 26.63
CA VAL A 137 1.74 31.10 26.23
C VAL A 137 1.07 30.28 27.35
N GLU A 138 1.86 29.59 28.15
CA GLU A 138 1.33 28.83 29.30
C GLU A 138 0.67 29.74 30.33
N GLN A 139 1.26 30.91 30.55
CA GLN A 139 0.68 31.89 31.44
C GLN A 139 -0.62 32.48 30.87
N VAL A 140 -0.57 32.90 29.62
CA VAL A 140 -1.74 33.47 28.92
C VAL A 140 -2.93 32.50 28.98
N LEU A 141 -2.67 31.26 28.63
CA LEU A 141 -3.72 30.25 28.61
C LEU A 141 -4.28 29.95 30.00
N GLY A 142 -3.43 30.01 31.01
CA GLY A 142 -3.86 29.84 32.39
C GLY A 142 -4.78 30.96 32.81
N THR A 143 -4.44 32.20 32.44
CA THR A 143 -5.26 33.35 32.77
C THR A 143 -6.62 33.24 32.08
N LEU A 144 -6.61 32.93 30.80
CA LEU A 144 -7.85 32.75 30.03
C LEU A 144 -8.72 31.60 30.58
N ASP A 145 -8.10 30.48 30.91
CA ASP A 145 -8.80 29.37 31.54
C ASP A 145 -9.49 29.80 32.84
N ASP A 146 -8.80 30.57 33.67
CA ASP A 146 -9.38 31.08 34.91
C ASP A 146 -10.59 31.98 34.64
N LEU A 147 -10.49 32.84 33.63
CA LEU A 147 -11.61 33.73 33.27
C LEU A 147 -12.83 32.92 32.79
N VAL A 148 -12.56 31.86 32.01
CA VAL A 148 -13.63 31.00 31.55
C VAL A 148 -14.28 30.27 32.74
N ARG A 149 -13.47 29.65 33.59
CA ARG A 149 -13.97 28.93 34.77
C ARG A 149 -14.77 29.86 35.70
N ALA A 150 -14.35 31.12 35.82
CA ALA A 150 -15.08 32.11 36.61
C ALA A 150 -16.41 32.53 36.00
N GLY A 151 -16.66 32.13 34.76
CA GLY A 151 -17.93 32.46 34.10
C GLY A 151 -17.91 33.80 33.38
N LYS A 152 -16.76 34.44 33.31
CA LYS A 152 -16.62 35.73 32.62
C LYS A 152 -16.51 35.64 31.11
N VAL A 153 -16.13 34.48 30.60
CA VAL A 153 -15.87 34.27 29.17
C VAL A 153 -16.36 32.87 28.86
N ARG A 154 -17.03 32.69 27.73
CA ARG A 154 -17.45 31.36 27.30
C ARG A 154 -16.41 30.70 26.40
N TYR A 155 -15.99 31.39 25.36
CA TYR A 155 -15.06 30.84 24.37
C TYR A 155 -13.91 31.81 24.15
N ILE A 156 -12.76 31.27 23.76
CA ILE A 156 -11.59 32.11 23.52
C ILE A 156 -11.08 31.95 22.08
N GLY A 157 -10.37 32.99 21.65
CA GLY A 157 -9.81 33.04 20.31
C GLY A 157 -8.64 33.98 20.22
N LEU A 158 -8.19 34.20 19.00
CA LEU A 158 -7.03 35.02 18.76
C LEU A 158 -7.15 35.72 17.44
N SER A 159 -6.22 36.61 17.19
CA SER A 159 -6.08 37.33 15.92
C SER A 159 -4.59 37.60 15.66
N ASN A 160 -4.17 37.47 14.40
CA ASN A 160 -2.85 37.92 13.96
C ASN A 160 -1.68 37.11 14.53
N PHE A 161 -1.92 35.83 14.85
CA PHE A 161 -0.85 34.92 15.27
C PHE A 161 -0.25 34.27 14.02
N SER A 162 1.05 34.04 14.07
CA SER A 162 1.68 33.14 13.09
C SER A 162 1.16 31.71 13.28
N GLY A 163 1.29 30.91 12.24
CA GLY A 163 0.96 29.48 12.32
C GLY A 163 1.61 28.81 13.51
N TRP A 164 2.91 29.04 13.67
CA TRP A 164 3.64 28.35 14.76
C TRP A 164 3.20 28.82 16.13
N GLN A 165 2.83 30.08 16.25
CA GLN A 165 2.42 30.64 17.55
C GLN A 165 1.07 30.09 17.97
N LEU A 166 0.16 29.99 17.01
CA LEU A 166 -1.15 29.44 17.30
C LEU A 166 -1.03 27.94 17.65
N MET A 167 -0.24 27.21 16.88
CA MET A 167 -0.05 25.79 17.16
C MET A 167 0.60 25.59 18.53
N LYS A 168 1.60 26.40 18.85
CA LYS A 168 2.27 26.30 20.15
C LYS A 168 1.23 26.47 21.28
N SER A 169 0.34 27.41 21.11
CA SER A 169 -0.70 27.69 22.10
C SER A 169 -1.72 26.56 22.21
N LEU A 170 -2.17 26.04 21.06
CA LEU A 170 -3.12 24.94 21.07
C LEU A 170 -2.51 23.68 21.73
N ALA A 171 -1.26 23.38 21.41
CA ALA A 171 -0.59 22.23 22.00
C ALA A 171 -0.46 22.41 23.53
N ALA A 172 -0.09 23.60 23.96
CA ALA A 172 0.03 23.87 25.38
C ALA A 172 -1.32 23.71 26.10
N ALA A 173 -2.39 24.24 25.49
CA ALA A 173 -3.73 24.12 26.08
C ALA A 173 -4.10 22.66 26.28
N ASP A 174 -3.90 21.86 25.23
CA ASP A 174 -4.22 20.44 25.31
CA ASP A 174 -4.22 20.45 25.33
C ASP A 174 -3.39 19.74 26.39
N ARG A 175 -2.09 20.02 26.39
CA ARG A 175 -1.21 19.37 27.34
C ARG A 175 -1.58 19.72 28.79
N LEU A 176 -1.95 20.97 29.02
CA LEU A 176 -2.25 21.45 30.36
C LEU A 176 -3.71 21.30 30.78
N GLY A 177 -4.55 20.82 29.88
CA GLY A 177 -5.96 20.71 30.14
C GLY A 177 -6.67 22.06 30.29
N LEU A 178 -6.24 23.03 29.50
CA LEU A 178 -6.82 24.35 29.55
C LEU A 178 -7.73 24.56 28.34
N GLN A 179 -8.45 25.66 28.32
CA GLN A 179 -9.32 26.02 27.19
C GLN A 179 -8.49 26.26 25.94
N ARG A 180 -9.00 25.80 24.81
CA ARG A 180 -8.33 26.07 23.55
C ARG A 180 -9.03 27.12 22.71
N TYR A 181 -8.24 27.78 21.87
CA TYR A 181 -8.76 28.74 20.93
C TYR A 181 -9.69 28.03 19.93
N VAL A 182 -10.84 28.63 19.72
CA VAL A 182 -11.82 28.11 18.74
C VAL A 182 -12.12 29.08 17.61
N ALA A 183 -11.65 30.33 17.73
CA ALA A 183 -11.92 31.37 16.75
C ALA A 183 -10.63 32.08 16.40
N ASN A 184 -10.41 32.25 15.09
CA ASN A 184 -9.33 33.06 14.58
C ASN A 184 -9.97 34.23 13.84
N GLN A 185 -9.85 35.41 14.43
CA GLN A 185 -10.29 36.65 13.78
C GLN A 185 -9.26 37.05 12.76
N THR A 186 -9.52 36.76 11.50
CA THR A 186 -8.52 36.88 10.48
C THR A 186 -8.96 37.80 9.37
N TYR A 187 -7.99 38.51 8.81
CA TYR A 187 -8.18 39.14 7.51
C TYR A 187 -8.20 38.04 6.47
N TYR A 188 -9.22 38.07 5.63
CA TYR A 188 -9.29 37.14 4.48
C TYR A 188 -10.23 37.77 3.47
N SER A 189 -9.79 37.82 2.22
CA SER A 189 -10.60 38.31 1.13
C SER A 189 -10.05 37.83 -0.20
N LEU A 190 -10.84 38.01 -1.25
CA LEU A 190 -10.36 37.66 -2.61
C LEU A 190 -9.03 38.29 -2.94
N ILE A 191 -8.77 39.50 -2.48
CA ILE A 191 -7.47 40.14 -2.74
C ILE A 191 -6.45 39.96 -1.64
N GLY A 192 -6.78 39.20 -0.61
CA GLY A 192 -5.91 38.95 0.51
C GLY A 192 -6.11 37.53 0.98
N ARG A 193 -5.48 36.60 0.27
CA ARG A 193 -5.71 35.18 0.47
C ARG A 193 -4.62 34.49 1.33
N ASP A 194 -3.76 35.29 1.95
CA ASP A 194 -2.60 34.76 2.70
C ASP A 194 -3.02 33.80 3.83
N TYR A 195 -4.21 34.02 4.40
CA TYR A 195 -4.80 33.12 5.40
C TYR A 195 -4.69 31.65 4.97
N GLU A 196 -4.71 31.40 3.66
CA GLU A 196 -4.68 30.05 3.12
C GLU A 196 -3.37 29.28 3.34
N TRP A 197 -2.25 29.95 3.58
CA TRP A 197 -0.93 29.29 3.54
CA TRP A 197 -0.95 29.25 3.56
C TRP A 197 -0.70 28.43 4.80
N GLU A 198 -0.88 29.07 5.95
CA GLU A 198 -0.66 28.44 7.26
C GLU A 198 -1.92 28.31 8.07
N LEU A 199 -2.62 29.43 8.20
CA LEU A 199 -3.67 29.56 9.19
C LEU A 199 -4.91 28.73 8.87
N MET A 200 -5.28 28.67 7.61
CA MET A 200 -6.39 27.81 7.21
C MET A 200 -6.12 26.32 7.45
N PRO A 201 -5.00 25.79 6.93
CA PRO A 201 -4.79 24.37 7.19
C PRO A 201 -4.58 24.02 8.65
N LEU A 202 -3.98 24.93 9.41
CA LEU A 202 -3.92 24.76 10.86
C LEU A 202 -5.32 24.73 11.50
N GLY A 203 -6.16 25.65 11.06
CA GLY A 203 -7.56 25.74 11.52
C GLY A 203 -8.34 24.46 11.24
N ILE A 204 -8.10 23.89 10.07
CA ILE A 204 -8.72 22.62 9.68
C ILE A 204 -8.22 21.53 10.60
N ASP A 205 -6.91 21.45 10.76
CA ASP A 205 -6.29 20.40 11.55
C ASP A 205 -6.70 20.47 13.01
N GLN A 206 -6.84 21.68 13.55
CA GLN A 206 -6.99 21.86 14.96
C GLN A 206 -8.36 22.40 15.40
N GLY A 207 -9.31 22.48 14.46
CA GLY A 207 -10.68 22.88 14.82
C GLY A 207 -10.82 24.32 15.27
N VAL A 208 -10.16 25.22 14.56
CA VAL A 208 -10.28 26.65 14.82
C VAL A 208 -11.03 27.27 13.64
N GLY A 209 -12.13 27.94 13.93
CA GLY A 209 -12.96 28.55 12.90
C GLY A 209 -12.56 30.00 12.65
N ALA A 210 -12.69 30.45 11.42
CA ALA A 210 -12.36 31.83 11.07
C ALA A 210 -13.55 32.76 11.22
N ILE A 211 -13.36 33.87 11.90
CA ILE A 211 -14.26 35.01 11.86
C ILE A 211 -13.54 36.07 11.04
N VAL A 212 -14.08 36.35 9.88
CA VAL A 212 -13.37 37.12 8.87
C VAL A 212 -13.67 38.60 8.94
N TRP A 213 -12.60 39.39 8.95
CA TRP A 213 -12.71 40.84 8.91
C TRP A 213 -12.07 41.40 7.64
N SER A 214 -12.48 42.64 7.35
CA SER A 214 -12.18 43.31 6.05
C SER A 214 -12.41 42.41 4.85
N PRO A 215 -13.60 41.82 4.77
CA PRO A 215 -13.88 40.87 3.69
C PRO A 215 -13.89 41.50 2.27
N LEU A 216 -14.05 42.82 2.20
CA LEU A 216 -13.99 43.52 0.90
C LEU A 216 -12.60 44.11 0.62
N GLY A 217 -11.60 43.67 1.37
CA GLY A 217 -10.23 44.15 1.24
C GLY A 217 -10.10 45.64 1.43
N TRP A 218 -10.69 46.14 2.50
CA TRP A 218 -10.75 47.60 2.82
C TRP A 218 -11.43 48.42 1.75
N GLY A 219 -12.61 47.98 1.35
CA GLY A 219 -13.40 48.70 0.34
C GLY A 219 -12.96 48.55 -1.09
N ARG A 220 -11.93 47.74 -1.35
CA ARG A 220 -11.43 47.57 -2.70
C ARG A 220 -12.29 46.65 -3.61
N LEU A 221 -13.10 45.79 -3.01
CA LEU A 221 -13.94 44.83 -3.77
C LEU A 221 -15.41 45.26 -3.86
N THR A 222 -15.64 46.55 -3.78
CA THR A 222 -16.98 47.11 -3.82
C THR A 222 -17.50 47.33 -5.26
N GLY A 223 -16.59 47.40 -6.22
CA GLY A 223 -16.94 47.82 -7.57
C GLY A 223 -16.66 49.29 -7.83
N LYS A 224 -16.43 50.05 -6.76
CA LYS A 224 -16.05 51.45 -6.87
C LYS A 224 -14.70 51.64 -7.56
N ILE A 225 -13.80 50.67 -7.38
CA ILE A 225 -12.51 50.69 -8.05
C ILE A 225 -12.47 49.71 -9.22
N ARG A 226 -12.26 50.24 -10.43
CA ARG A 226 -12.27 49.44 -11.66
C ARG A 226 -11.37 50.09 -12.72
N ARG A 227 -10.94 49.31 -13.71
CA ARG A 227 -10.02 49.82 -14.74
C ARG A 227 -10.61 50.94 -15.59
N GLY A 242 -3.03 49.32 8.93
CA GLY A 242 -1.84 48.77 8.25
C GLY A 242 -1.60 47.29 8.52
N PHE A 243 -2.59 46.48 8.13
CA PHE A 243 -2.55 45.01 8.30
C PHE A 243 -2.22 44.25 7.02
N ALA A 244 -2.48 44.86 5.87
CA ALA A 244 -2.29 44.17 4.60
C ALA A 244 -1.38 44.95 3.69
N PRO A 245 -0.48 44.24 3.01
CA PRO A 245 0.25 44.82 1.91
C PRO A 245 -0.70 45.66 1.06
N PRO A 246 -0.24 46.81 0.58
CA PRO A 246 -1.02 47.49 -0.45
C PRO A 246 -1.14 46.57 -1.67
N VAL A 247 -2.24 46.67 -2.40
CA VAL A 247 -2.50 45.76 -3.52
C VAL A 247 -2.15 46.46 -4.82
N ASP A 248 -1.51 45.73 -5.71
CA ASP A 248 -1.15 46.27 -7.02
C ASP A 248 -2.40 46.48 -7.86
N ASP A 249 -2.51 47.67 -8.45
CA ASP A 249 -3.66 48.03 -9.29
C ASP A 249 -4.02 46.96 -10.33
N GLU A 250 -3.01 46.44 -11.04
CA GLU A 250 -3.24 45.48 -12.11
C GLU A 250 -3.90 44.20 -11.59
N ARG A 251 -3.44 43.73 -10.45
CA ARG A 251 -4.04 42.56 -9.82
C ARG A 251 -5.47 42.83 -9.40
N LEU A 252 -5.68 43.94 -8.71
CA LEU A 252 -7.03 44.32 -8.28
C LEU A 252 -7.99 44.35 -9.49
N TYR A 253 -7.57 45.00 -10.57
CA TYR A 253 -8.40 45.09 -11.76
C TYR A 253 -8.70 43.72 -12.40
N ARG A 254 -7.75 42.81 -12.35
CA ARG A 254 -7.97 41.45 -12.85
C ARG A 254 -9.02 40.75 -11.99
N VAL A 255 -8.96 40.96 -10.68
CA VAL A 255 -9.92 40.34 -9.77
C VAL A 255 -11.32 40.94 -10.01
N VAL A 256 -11.39 42.26 -10.08
CA VAL A 256 -12.64 42.94 -10.41
C VAL A 256 -13.24 42.47 -11.76
N ASP A 257 -12.41 42.32 -12.80
CA ASP A 257 -12.87 41.75 -14.09
C ASP A 257 -13.58 40.40 -13.90
N ALA A 258 -12.96 39.53 -13.13
CA ALA A 258 -13.54 38.20 -12.88
C ALA A 258 -14.84 38.28 -12.08
N MET A 259 -14.87 39.20 -11.12
CA MET A 259 -16.09 39.47 -10.37
C MET A 259 -17.22 39.99 -11.25
N ASP A 260 -16.89 40.89 -12.17
CA ASP A 260 -17.86 41.42 -13.12
C ASP A 260 -18.47 40.32 -13.97
N GLU A 261 -17.63 39.38 -14.42
CA GLU A 261 -18.11 38.27 -15.22
C GLU A 261 -19.10 37.39 -14.40
N VAL A 262 -18.76 37.15 -13.15
CA VAL A 262 -19.62 36.37 -12.26
C VAL A 262 -20.90 37.13 -11.94
N ALA A 263 -20.78 38.45 -11.80
CA ALA A 263 -21.96 39.31 -11.56
C ALA A 263 -22.97 39.20 -12.69
N LEU A 264 -22.47 39.10 -13.92
CA LEU A 264 -23.35 38.89 -15.09
C LEU A 264 -24.13 37.59 -15.03
N GLU A 265 -23.47 36.51 -14.62
CA GLU A 265 -24.15 35.23 -14.47
C GLU A 265 -25.12 35.17 -13.32
N THR A 266 -24.71 35.71 -12.18
CA THR A 266 -25.44 35.51 -10.94
C THR A 266 -26.48 36.59 -10.68
N GLY A 267 -26.26 37.76 -11.24
CA GLY A 267 -27.06 38.95 -10.94
C GLY A 267 -26.76 39.56 -9.59
N LYS A 268 -25.68 39.11 -8.96
CA LYS A 268 -25.34 39.57 -7.62
C LYS A 268 -24.35 40.70 -7.71
N THR A 269 -24.28 41.48 -6.64
CA THR A 269 -23.36 42.63 -6.60
C THR A 269 -21.97 42.14 -6.28
N LEU A 270 -20.98 42.98 -6.56
CA LEU A 270 -19.60 42.65 -6.23
C LEU A 270 -19.38 42.35 -4.73
N PRO A 271 -19.91 43.20 -3.82
CA PRO A 271 -19.79 42.85 -2.40
C PRO A 271 -20.46 41.51 -2.04
N GLN A 272 -21.61 41.21 -2.63
CA GLN A 272 -22.27 39.95 -2.38
C GLN A 272 -21.44 38.75 -2.86
N ILE A 273 -20.78 38.90 -3.99
CA ILE A 273 -19.90 37.86 -4.53
C ILE A 273 -18.68 37.66 -3.64
N ALA A 274 -18.08 38.76 -3.20
CA ALA A 274 -16.90 38.70 -2.33
C ALA A 274 -17.23 37.98 -1.03
N LEU A 275 -18.37 38.32 -0.45
CA LEU A 275 -18.84 37.67 0.77
C LEU A 275 -19.19 36.22 0.56
N ASN A 276 -19.93 35.93 -0.50
CA ASN A 276 -20.27 34.56 -0.77
C ASN A 276 -19.05 33.66 -1.02
N TRP A 277 -18.06 34.21 -1.71
CA TRP A 277 -16.80 33.49 -1.96
C TRP A 277 -16.16 33.09 -0.64
N LEU A 278 -16.10 34.03 0.28
CA LEU A 278 -15.56 33.73 1.62
C LEU A 278 -16.33 32.63 2.33
N LEU A 279 -17.65 32.70 2.22
CA LEU A 279 -18.53 31.70 2.82
C LEU A 279 -18.35 30.30 2.23
N GLN A 280 -17.74 30.19 1.06
CA GLN A 280 -17.44 28.87 0.50
C GLN A 280 -16.06 28.35 0.87
N ARG A 281 -15.25 29.09 1.65
CA ARG A 281 -13.89 28.67 1.94
C ARG A 281 -13.82 27.84 3.21
N PRO A 282 -12.92 26.85 3.25
CA PRO A 282 -12.79 26.05 4.46
C PRO A 282 -12.52 26.92 5.70
N THR A 283 -13.08 26.47 6.83
CA THR A 283 -12.98 27.05 8.18
C THR A 283 -13.82 28.31 8.43
N VAL A 284 -14.34 28.95 7.40
CA VAL A 284 -15.02 30.25 7.59
C VAL A 284 -16.34 30.02 8.34
N ALA A 285 -16.44 30.61 9.53
CA ALA A 285 -17.64 30.44 10.34
C ALA A 285 -18.54 31.68 10.27
N SER A 286 -17.93 32.84 10.23
CA SER A 286 -18.69 34.10 10.15
C SER A 286 -17.87 35.14 9.44
N VAL A 287 -18.54 36.03 8.75
CA VAL A 287 -17.92 37.18 8.12
C VAL A 287 -18.53 38.44 8.71
N LEU A 288 -17.66 39.35 9.16
CA LEU A 288 -18.11 40.57 9.79
C LEU A 288 -18.41 41.63 8.76
N ILE A 289 -19.60 42.19 8.84
CA ILE A 289 -20.02 43.21 7.90
C ILE A 289 -20.42 44.47 8.67
N GLY A 290 -20.56 45.54 7.93
CA GLY A 290 -21.01 46.81 8.45
C GLY A 290 -22.44 47.03 7.96
N ALA A 291 -23.22 47.74 8.75
CA ALA A 291 -24.62 48.00 8.41
C ALA A 291 -25.05 49.26 9.12
N ARG A 292 -25.24 50.33 8.37
CA ARG A 292 -25.71 51.56 8.99
C ARG A 292 -27.22 51.62 9.10
N ASP A 293 -27.91 50.82 8.30
CA ASP A 293 -29.35 50.88 8.24
C ASP A 293 -29.88 49.63 7.58
N GLU A 294 -31.20 49.51 7.54
CA GLU A 294 -31.88 48.36 6.98
C GLU A 294 -31.46 48.04 5.56
N GLU A 295 -31.35 49.07 4.73
CA GLU A 295 -31.01 48.87 3.33
C GLU A 295 -29.62 48.25 3.14
N GLN A 296 -28.64 48.78 3.88
CA GLN A 296 -27.29 48.25 3.81
C GLN A 296 -27.20 46.83 4.38
N LEU A 297 -27.93 46.60 5.46
CA LEU A 297 -27.97 45.26 6.03
C LEU A 297 -28.55 44.26 5.03
N MET A 298 -29.64 44.65 4.40
CA MET A 298 -30.28 43.81 3.36
C MET A 298 -29.34 43.49 2.18
N GLN A 299 -28.57 44.47 1.73
CA GLN A 299 -27.56 44.26 0.68
C GLN A 299 -26.56 43.15 1.09
N ASN A 300 -26.04 43.26 2.30
CA ASN A 300 -25.11 42.23 2.80
C ASN A 300 -25.77 40.87 2.97
N LEU A 301 -27.02 40.84 3.43
CA LEU A 301 -27.78 39.58 3.56
C LEU A 301 -27.99 38.88 2.20
N GLY A 302 -27.86 39.66 1.12
CA GLY A 302 -27.88 39.09 -0.24
C GLY A 302 -26.71 38.17 -0.55
N ALA A 303 -25.73 38.10 0.34
CA ALA A 303 -24.63 37.12 0.24
C ALA A 303 -25.09 35.70 0.61
N LEU A 304 -26.24 35.62 1.28
CA LEU A 304 -26.80 34.35 1.74
C LEU A 304 -27.90 33.84 0.83
N GLY A 305 -28.17 32.54 0.93
CA GLY A 305 -29.30 31.96 0.22
C GLY A 305 -28.98 31.46 -1.17
N TRP A 306 -27.68 31.43 -1.50
CA TRP A 306 -27.20 30.98 -2.79
C TRP A 306 -25.74 30.64 -2.63
N GLN A 307 -25.16 29.99 -3.64
CA GLN A 307 -23.76 29.60 -3.59
C GLN A 307 -23.12 29.79 -4.95
N LEU A 308 -21.95 30.42 -4.97
CA LEU A 308 -21.12 30.44 -6.18
C LEU A 308 -20.85 28.99 -6.57
N THR A 309 -20.90 28.71 -7.85
CA THR A 309 -20.69 27.34 -8.35
C THR A 309 -19.20 27.02 -8.30
N THR A 310 -18.90 25.73 -8.40
CA THR A 310 -17.50 25.28 -8.49
C THR A 310 -16.73 26.07 -9.55
N GLU A 311 -17.35 26.23 -10.70
CA GLU A 311 -16.71 26.94 -11.81
C GLU A 311 -16.49 28.42 -11.53
N GLN A 312 -17.50 29.06 -10.94
CA GLN A 312 -17.41 30.47 -10.59
C GLN A 312 -16.32 30.69 -9.55
N VAL A 313 -16.27 29.82 -8.54
CA VAL A 313 -15.19 29.88 -7.54
C VAL A 313 -13.82 29.69 -8.21
N ALA A 314 -13.73 28.73 -9.12
CA ALA A 314 -12.47 28.45 -9.81
C ALA A 314 -12.00 29.67 -10.61
N ARG A 315 -12.95 30.33 -11.26
CA ARG A 315 -12.67 31.55 -12.03
CA ARG A 315 -12.66 31.54 -12.02
C ARG A 315 -12.15 32.66 -11.11
N LEU A 316 -12.81 32.83 -9.98
CA LEU A 316 -12.37 33.83 -9.03
C LEU A 316 -11.00 33.50 -8.41
N ASP A 317 -10.80 32.24 -8.14
CA ASP A 317 -9.53 31.78 -7.56
C ASP A 317 -8.39 32.00 -8.56
N ALA A 318 -8.64 31.74 -9.84
CA ALA A 318 -7.59 31.88 -10.85
C ALA A 318 -7.19 33.34 -11.00
N ALA A 319 -8.19 34.23 -10.98
CA ALA A 319 -7.92 35.66 -11.09
C ALA A 319 -7.18 36.21 -9.86
N SER A 320 -7.52 35.70 -8.68
CA SER A 320 -6.94 36.19 -7.41
C SER A 320 -5.65 35.46 -6.97
N ALA A 321 -5.28 34.41 -7.69
CA ALA A 321 -4.17 33.57 -7.28
C ALA A 321 -2.87 34.38 -7.21
N VAL A 322 -2.09 34.15 -6.18
CA VAL A 322 -0.74 34.70 -6.07
C VAL A 322 0.27 33.57 -5.82
N THR A 323 1.52 33.83 -6.13
CA THR A 323 2.57 32.83 -5.97
C THR A 323 2.79 32.58 -4.49
N PRO A 324 2.62 31.35 -4.02
CA PRO A 324 2.82 31.09 -2.60
C PRO A 324 4.29 31.22 -2.19
N PRO A 325 4.56 31.76 -0.99
CA PRO A 325 5.91 31.76 -0.47
C PRO A 325 6.46 30.36 -0.23
N TYR A 326 7.76 30.28 -0.02
CA TYR A 326 8.38 29.07 0.56
C TYR A 326 7.96 28.99 2.05
N PRO A 327 7.63 27.82 2.61
CA PRO A 327 7.77 26.49 2.02
C PRO A 327 6.49 25.93 1.38
N TYR A 328 5.46 26.74 1.22
CA TYR A 328 4.15 26.31 0.68
C TYR A 328 4.25 26.00 -0.81
N TYR A 329 5.10 26.75 -1.49
CA TYR A 329 5.24 26.70 -2.95
C TYR A 329 5.23 25.28 -3.56
N PRO A 330 6.11 24.38 -3.10
CA PRO A 330 6.15 23.07 -3.74
C PRO A 330 4.95 22.18 -3.43
N TYR A 331 4.16 22.53 -2.43
CA TYR A 331 2.91 21.83 -2.21
C TYR A 331 1.84 22.37 -3.15
N TRP A 332 1.76 23.70 -3.25
CA TRP A 332 0.78 24.36 -4.11
C TRP A 332 1.03 24.11 -5.61
N ASN A 333 2.27 23.90 -6.01
CA ASN A 333 2.56 23.65 -7.44
C ASN A 333 2.50 22.16 -7.79
N GLY A 334 2.21 21.32 -6.81
CA GLY A 334 1.92 19.90 -7.03
C GLY A 334 3.06 18.95 -6.68
N GLN A 335 4.28 19.46 -6.59
CA GLN A 335 5.46 18.62 -6.34
C GLN A 335 5.34 17.72 -5.09
N PHE A 336 4.92 18.30 -3.97
CA PHE A 336 4.75 17.56 -2.70
C PHE A 336 3.29 17.36 -2.30
N ALA A 337 2.39 17.60 -3.25
CA ALA A 337 0.94 17.57 -2.95
C ALA A 337 0.40 16.19 -2.65
N GLU A 338 1.04 15.14 -3.17
CA GLU A 338 0.54 13.76 -2.98
C GLU A 338 0.20 13.45 -1.50
N ARG A 339 1.16 13.69 -0.62
CA ARG A 339 1.03 13.35 0.77
C ARG A 339 0.59 14.53 1.64
N SER A 340 0.48 15.71 1.05
CA SER A 340 0.06 16.88 1.84
C SER A 340 -0.71 17.86 0.95
N PRO A 341 -1.95 17.49 0.61
CA PRO A 341 -2.68 18.35 -0.33
C PRO A 341 -3.03 19.68 0.28
N VAL A 342 -3.27 20.64 -0.59
CA VAL A 342 -3.70 21.97 -0.20
C VAL A 342 -5.23 21.95 -0.04
N ALA A 343 -5.75 22.67 0.93
CA ALA A 343 -7.22 22.70 1.23
C ALA A 343 -8.13 23.39 0.20
N VAL A 344 -7.56 24.31 -0.57
CA VAL A 344 -8.30 25.02 -1.60
C VAL A 344 -7.66 24.83 -2.97
N SER B 1 6.07 -40.64 -16.11
CA SER B 1 6.95 -40.62 -14.90
C SER B 1 8.42 -40.41 -15.30
N MET B 2 9.14 -39.61 -14.52
CA MET B 2 10.52 -39.25 -14.88
C MET B 2 11.46 -40.42 -14.60
N GLU B 3 12.37 -40.67 -15.52
CA GLU B 3 13.45 -41.65 -15.30
C GLU B 3 14.61 -40.95 -14.62
N HIS B 4 15.34 -41.70 -13.80
CA HIS B 4 16.53 -41.16 -13.12
C HIS B 4 17.73 -42.04 -13.38
N ARG B 5 18.89 -41.40 -13.46
CA ARG B 5 20.15 -42.09 -13.82
C ARG B 5 21.26 -41.68 -12.90
N TYR B 6 22.21 -42.60 -12.70
CA TYR B 6 23.39 -42.30 -11.90
C TYR B 6 24.28 -41.37 -12.71
N LEU B 7 24.78 -40.35 -12.05
CA LEU B 7 25.71 -39.42 -12.65
C LEU B 7 27.12 -39.98 -12.56
N GLY B 8 27.56 -40.62 -13.65
CA GLY B 8 28.82 -41.32 -13.65
C GLY B 8 28.85 -42.34 -12.53
N ASN B 9 30.00 -42.45 -11.87
CA ASN B 9 30.20 -43.39 -10.79
C ASN B 9 29.94 -42.79 -9.41
N SER B 10 29.32 -41.61 -9.36
CA SER B 10 29.16 -40.84 -8.12
C SER B 10 28.15 -41.36 -7.09
N GLY B 11 27.24 -42.22 -7.51
CA GLY B 11 26.13 -42.68 -6.67
C GLY B 11 24.99 -41.68 -6.54
N PHE B 12 25.12 -40.53 -7.20
CA PHE B 12 24.12 -39.46 -7.17
C PHE B 12 23.23 -39.60 -8.40
N LYS B 13 21.93 -39.42 -8.22
CA LYS B 13 20.98 -39.59 -9.32
C LYS B 13 20.46 -38.26 -9.82
N VAL B 14 20.35 -38.18 -11.14
CA VAL B 14 19.78 -37.03 -11.83
C VAL B 14 18.61 -37.47 -12.70
N PRO B 15 17.68 -36.55 -12.97
CA PRO B 15 16.63 -36.88 -13.93
C PRO B 15 17.20 -37.00 -15.34
N ALA B 16 16.63 -37.88 -16.14
CA ALA B 16 17.11 -38.14 -17.50
C ALA B 16 16.96 -36.91 -18.40
N LEU B 17 16.01 -36.05 -18.04
CA LEU B 17 15.86 -34.76 -18.71
C LEU B 17 16.03 -33.68 -17.68
N GLY B 18 16.82 -32.69 -18.03
CA GLY B 18 17.05 -31.53 -17.20
C GLY B 18 16.67 -30.26 -17.94
N PHE B 19 16.58 -29.17 -17.20
CA PHE B 19 16.22 -27.88 -17.78
C PHE B 19 17.45 -27.01 -17.94
N GLY B 20 17.75 -26.65 -19.18
CA GLY B 20 18.90 -25.82 -19.48
C GLY B 20 18.45 -24.39 -19.63
N THR B 21 18.93 -23.52 -18.74
CA THR B 21 18.58 -22.11 -18.84
C THR B 21 19.36 -21.47 -20.00
N GLY B 22 20.31 -22.22 -20.57
CA GLY B 22 20.95 -21.86 -21.83
C GLY B 22 20.09 -22.30 -22.99
N PHE B 31 15.88 -17.71 -20.18
CA PHE B 31 16.05 -16.79 -19.04
C PHE B 31 16.93 -15.60 -19.44
N ASP B 38 10.30 -11.32 -15.73
CA ASP B 38 9.04 -11.99 -15.42
C ASP B 38 9.25 -13.03 -14.30
N VAL B 39 9.06 -12.57 -13.08
CA VAL B 39 9.28 -13.41 -11.90
C VAL B 39 8.22 -14.51 -11.80
N ALA B 40 6.98 -14.16 -12.07
CA ALA B 40 5.87 -15.14 -12.04
C ALA B 40 6.08 -16.21 -13.10
N GLY B 41 6.54 -15.79 -14.27
CA GLY B 41 6.78 -16.69 -15.39
C GLY B 41 7.87 -17.69 -15.08
N ALA B 42 8.93 -17.21 -14.45
CA ALA B 42 10.05 -18.06 -14.08
C ALA B 42 9.62 -19.06 -13.02
N ARG B 43 8.85 -18.60 -12.02
CA ARG B 43 8.34 -19.51 -10.98
C ARG B 43 7.42 -20.57 -11.59
N ARG B 44 6.64 -20.18 -12.60
CA ARG B 44 5.73 -21.10 -13.29
C ARG B 44 6.53 -22.19 -14.02
N ILE B 45 7.55 -21.79 -14.75
CA ILE B 45 8.41 -22.74 -15.49
C ILE B 45 9.06 -23.73 -14.54
N ILE B 46 9.60 -23.23 -13.46
CA ILE B 46 10.15 -24.09 -12.42
C ILE B 46 9.09 -25.04 -11.88
N ASP B 47 7.89 -24.53 -11.62
CA ASP B 47 6.84 -25.39 -11.07
C ASP B 47 6.39 -26.46 -12.04
N ILE B 48 6.24 -26.13 -13.32
CA ILE B 48 5.83 -27.15 -14.28
C ILE B 48 6.95 -28.20 -14.43
N CYS B 49 8.21 -27.73 -14.40
CA CYS B 49 9.35 -28.65 -14.45
C CYS B 49 9.36 -29.59 -13.26
N LEU B 50 9.27 -29.03 -12.06
CA LEU B 50 9.25 -29.83 -10.84
C LEU B 50 8.11 -30.83 -10.83
N ASP B 51 6.93 -30.41 -11.26
CA ASP B 51 5.78 -31.32 -11.33
C ASP B 51 6.03 -32.51 -12.25
N ALA B 52 6.76 -32.27 -13.34
CA ALA B 52 7.08 -33.33 -14.31
C ALA B 52 8.30 -34.17 -13.92
N GLY B 53 8.96 -33.80 -12.81
CA GLY B 53 10.17 -34.49 -12.35
C GLY B 53 11.44 -33.97 -13.01
N VAL B 54 11.32 -32.89 -13.78
CA VAL B 54 12.50 -32.23 -14.34
C VAL B 54 13.04 -31.29 -13.28
N ASN B 55 13.85 -31.80 -12.36
CA ASN B 55 14.31 -31.00 -11.24
C ASN B 55 15.79 -30.65 -11.25
N LEU B 56 16.45 -30.91 -12.38
CA LEU B 56 17.81 -30.46 -12.64
C LEU B 56 17.76 -29.17 -13.44
N PHE B 57 18.36 -28.11 -12.90
CA PHE B 57 18.39 -26.81 -13.55
C PHE B 57 19.81 -26.39 -13.76
N ASP B 58 20.16 -26.11 -15.00
CA ASP B 58 21.53 -25.82 -15.38
C ASP B 58 21.67 -24.38 -15.82
N THR B 59 22.73 -23.73 -15.33
CA THR B 59 22.99 -22.34 -15.67
C THR B 59 24.49 -22.07 -15.66
N ALA B 60 24.86 -20.81 -15.84
CA ALA B 60 26.26 -20.40 -15.87
C ALA B 60 26.37 -18.92 -15.58
N ASP B 61 27.51 -18.50 -15.06
CA ASP B 61 27.71 -17.06 -14.76
C ASP B 61 27.60 -16.18 -16.00
N VAL B 62 28.09 -16.69 -17.12
CA VAL B 62 28.08 -15.94 -18.38
C VAL B 62 26.71 -15.86 -19.07
N TYR B 63 25.73 -16.67 -18.66
CA TYR B 63 24.40 -16.58 -19.29
C TYR B 63 23.75 -15.24 -18.86
N SER B 64 23.67 -14.32 -19.83
CA SER B 64 23.18 -12.94 -19.64
C SER B 64 23.88 -12.19 -18.51
N ASN B 65 25.19 -12.36 -18.43
CA ASN B 65 26.04 -11.65 -17.46
C ASN B 65 25.53 -11.76 -16.03
N GLY B 66 25.17 -12.99 -15.63
CA GLY B 66 24.73 -13.25 -14.25
C GLY B 66 23.23 -13.27 -14.05
N ALA B 67 22.47 -12.73 -15.00
CA ALA B 67 21.02 -12.57 -14.82
C ALA B 67 20.31 -13.92 -14.83
N SER B 68 20.83 -14.88 -15.61
CA SER B 68 20.25 -16.23 -15.63
C SER B 68 20.32 -16.90 -14.24
N GLU B 69 21.47 -16.82 -13.59
CA GLU B 69 21.61 -17.34 -12.21
C GLU B 69 20.66 -16.63 -11.23
N SER B 70 20.59 -15.31 -11.33
CA SER B 70 19.71 -14.54 -10.44
C SER B 70 18.25 -14.90 -10.61
N ILE B 71 17.83 -15.04 -11.87
CA ILE B 71 16.44 -15.38 -12.18
C ILE B 71 16.11 -16.80 -11.70
N LEU B 72 17.04 -17.71 -11.92
CA LEU B 72 16.87 -19.08 -11.43
C LEU B 72 16.76 -19.11 -9.92
N GLY B 73 17.64 -18.38 -9.27
CA GLY B 73 17.63 -18.31 -7.81
C GLY B 73 16.29 -17.81 -7.30
N ALA B 74 15.80 -16.74 -7.92
CA ALA B 74 14.53 -16.14 -7.50
C ALA B 74 13.36 -17.12 -7.74
N ALA B 75 13.38 -17.83 -8.87
CA ALA B 75 12.32 -18.79 -9.19
C ALA B 75 12.33 -20.00 -8.26
N LEU B 76 13.53 -20.42 -7.84
CA LEU B 76 13.65 -21.59 -6.96
C LEU B 76 13.40 -21.27 -5.51
N LYS B 77 13.49 -20.01 -5.15
CA LYS B 77 13.29 -19.62 -3.78
C LYS B 77 11.95 -20.17 -3.28
N GLY B 78 12.00 -20.91 -2.17
CA GLY B 78 10.82 -21.59 -1.62
C GLY B 78 10.76 -23.07 -1.95
N ARG B 79 11.53 -23.49 -2.95
CA ARG B 79 11.51 -24.87 -3.39
C ARG B 79 12.91 -25.40 -3.70
N ARG B 80 13.95 -24.72 -3.25
CA ARG B 80 15.31 -25.03 -3.70
C ARG B 80 15.75 -26.44 -3.30
N ASP B 81 15.24 -26.89 -2.14
CA ASP B 81 15.54 -28.23 -1.63
C ASP B 81 14.96 -29.36 -2.49
N LYS B 82 14.06 -29.03 -3.42
CA LYS B 82 13.51 -29.99 -4.37
C LYS B 82 14.27 -30.00 -5.71
N ALA B 83 15.28 -29.13 -5.85
CA ALA B 83 16.01 -28.93 -7.10
C ALA B 83 17.46 -29.38 -7.00
N ILE B 84 17.98 -29.79 -8.14
CA ILE B 84 19.40 -30.04 -8.32
C ILE B 84 19.92 -28.89 -9.16
N VAL B 85 20.76 -28.05 -8.59
CA VAL B 85 21.28 -26.88 -9.28
C VAL B 85 22.69 -27.17 -9.80
N SER B 86 22.83 -27.00 -11.12
CA SER B 86 24.08 -27.20 -11.83
C SER B 86 24.52 -25.84 -12.35
N THR B 87 25.73 -25.43 -12.03
CA THR B 87 26.25 -24.21 -12.62
C THR B 87 27.71 -24.32 -13.07
N LYS B 88 28.09 -23.40 -13.94
CA LYS B 88 29.38 -23.38 -14.59
C LYS B 88 30.05 -22.04 -14.34
N LEU B 89 31.37 -22.09 -14.22
CA LEU B 89 32.20 -20.91 -14.15
C LEU B 89 33.59 -21.17 -14.74
N SER B 90 34.33 -20.08 -14.89
CA SER B 90 35.72 -19.98 -15.36
C SER B 90 35.86 -19.22 -16.70
N LEU B 91 34.75 -19.02 -17.43
CA LEU B 91 34.84 -18.17 -18.63
C LEU B 91 34.93 -16.71 -18.20
N ARG B 92 35.39 -15.87 -19.11
CA ARG B 92 35.61 -14.49 -18.79
C ARG B 92 34.25 -13.86 -18.44
N ILE B 93 34.20 -13.23 -17.27
CA ILE B 93 32.95 -12.66 -16.77
C ILE B 93 33.09 -11.17 -16.43
N GLY B 94 34.25 -10.60 -16.74
CA GLY B 94 34.53 -9.19 -16.48
C GLY B 94 35.74 -8.75 -17.28
N GLU B 95 36.12 -7.48 -17.14
CA GLU B 95 37.22 -6.93 -17.93
C GLU B 95 38.57 -7.04 -17.23
N GLY B 96 38.56 -7.40 -15.94
CA GLY B 96 39.79 -7.48 -15.16
C GLY B 96 40.70 -8.65 -15.57
N PRO B 97 42.01 -8.53 -15.29
CA PRO B 97 42.91 -9.62 -15.65
C PRO B 97 42.65 -10.94 -14.94
N ASN B 98 41.99 -10.90 -13.78
CA ASN B 98 41.66 -12.10 -13.02
C ASN B 98 40.16 -12.43 -12.97
N ASP B 99 39.39 -11.84 -13.89
CA ASP B 99 37.95 -12.12 -14.03
C ASP B 99 37.69 -13.27 -15.02
N VAL B 100 38.48 -14.32 -14.91
CA VAL B 100 38.49 -15.39 -15.89
C VAL B 100 39.37 -16.50 -15.33
N GLY B 101 39.20 -17.71 -15.85
CA GLY B 101 40.07 -18.83 -15.53
C GLY B 101 39.76 -19.58 -14.26
N SER B 102 40.66 -20.49 -13.90
CA SER B 102 40.43 -21.42 -12.82
C SER B 102 41.46 -21.24 -11.69
N SER B 103 42.19 -20.13 -11.68
CA SER B 103 43.14 -19.90 -10.59
C SER B 103 42.35 -19.63 -9.31
N ARG B 104 43.01 -19.83 -8.18
CA ARG B 104 42.30 -19.87 -6.89
C ARG B 104 41.50 -18.60 -6.66
N HIS B 105 42.09 -17.47 -7.00
CA HIS B 105 41.41 -16.20 -6.77
C HIS B 105 40.07 -16.12 -7.50
N HIS B 106 40.06 -16.44 -8.78
CA HIS B 106 38.80 -16.39 -9.52
C HIS B 106 37.80 -17.46 -9.11
N LEU B 107 38.27 -18.67 -8.85
CA LEU B 107 37.37 -19.76 -8.50
C LEU B 107 36.62 -19.50 -7.22
N ILE B 108 37.33 -19.00 -6.22
CA ILE B 108 36.71 -18.68 -4.95
C ILE B 108 35.72 -17.53 -5.14
N ALA B 109 36.16 -16.46 -5.79
CA ALA B 109 35.31 -15.27 -5.96
C ALA B 109 34.06 -15.62 -6.77
N ALA B 110 34.26 -16.35 -7.86
CA ALA B 110 33.13 -16.72 -8.73
C ALA B 110 32.14 -17.69 -8.08
N THR B 111 32.64 -18.63 -7.30
CA THR B 111 31.76 -19.56 -6.61
C THR B 111 30.87 -18.80 -5.60
N ASN B 112 31.49 -17.93 -4.82
CA ASN B 112 30.73 -17.10 -3.86
C ASN B 112 29.72 -16.18 -4.54
N ALA B 113 30.12 -15.60 -5.67
CA ALA B 113 29.23 -14.76 -6.44
C ALA B 113 28.03 -15.54 -6.99
N ALA B 114 28.26 -16.76 -7.44
CA ALA B 114 27.16 -17.61 -7.92
C ALA B 114 26.19 -17.95 -6.79
N LEU B 115 26.74 -18.27 -5.62
CA LEU B 115 25.91 -18.61 -4.47
C LEU B 115 25.02 -17.41 -4.09
N GLN B 116 25.59 -16.21 -4.20
CA GLN B 116 24.85 -14.97 -3.90
C GLN B 116 23.73 -14.79 -4.92
N ARG B 117 24.03 -14.94 -6.21
CA ARG B 117 23.01 -14.78 -7.26
C ARG B 117 21.90 -15.83 -7.20
N LEU B 118 22.31 -17.06 -6.96
CA LEU B 118 21.37 -18.18 -6.81
C LEU B 118 20.59 -18.12 -5.50
N ASP B 119 21.06 -17.28 -4.58
CA ASP B 119 20.41 -17.08 -3.27
C ASP B 119 20.30 -18.40 -2.51
N THR B 120 21.40 -19.16 -2.51
CA THR B 120 21.44 -20.45 -1.80
C THR B 120 22.82 -20.65 -1.15
N ASP B 121 22.91 -21.59 -0.22
CA ASP B 121 24.17 -21.85 0.51
CA ASP B 121 24.16 -21.85 0.50
C ASP B 121 25.02 -22.95 -0.14
N TYR B 122 24.46 -23.64 -1.13
CA TYR B 122 25.24 -24.68 -1.82
C TYR B 122 24.76 -24.89 -3.26
N ILE B 123 25.68 -25.42 -4.06
CA ILE B 123 25.44 -25.79 -5.45
C ILE B 123 25.59 -27.30 -5.53
N ASP B 124 24.68 -27.97 -6.23
CA ASP B 124 24.73 -29.43 -6.31
C ASP B 124 25.88 -29.87 -7.21
N ILE B 125 26.00 -29.25 -8.37
CA ILE B 125 27.04 -29.62 -9.35
C ILE B 125 27.69 -28.34 -9.85
N LEU B 126 28.96 -28.18 -9.50
CA LEU B 126 29.76 -27.06 -10.00
C LEU B 126 30.70 -27.54 -11.10
N GLN B 127 30.62 -26.94 -12.28
CA GLN B 127 31.43 -27.37 -13.41
C GLN B 127 32.33 -26.27 -13.93
N LEU B 128 33.58 -26.63 -14.23
CA LEU B 128 34.48 -25.73 -14.92
C LEU B 128 34.03 -25.68 -16.38
N HIS B 129 33.87 -24.46 -16.88
CA HIS B 129 33.24 -24.22 -18.17
C HIS B 129 34.18 -24.45 -19.34
N ALA B 130 35.48 -24.33 -19.09
CA ALA B 130 36.51 -24.61 -20.10
C ALA B 130 37.80 -24.98 -19.42
N PHE B 131 38.77 -25.47 -20.19
CA PHE B 131 40.07 -25.80 -19.61
C PHE B 131 40.97 -24.58 -19.53
N ASP B 132 41.48 -24.32 -18.32
CA ASP B 132 42.45 -23.25 -18.10
C ASP B 132 43.84 -23.86 -18.05
N ALA B 133 44.55 -23.79 -19.17
CA ALA B 133 45.92 -24.35 -19.23
C ALA B 133 46.92 -23.55 -18.41
N MET B 134 46.54 -22.36 -17.95
CA MET B 134 47.48 -21.52 -17.21
C MET B 134 47.52 -21.79 -15.72
N THR B 135 46.59 -22.60 -15.21
CA THR B 135 46.55 -22.94 -13.78
C THR B 135 46.82 -24.44 -13.64
N PRO B 136 47.69 -24.85 -12.70
CA PRO B 136 47.97 -26.30 -12.57
C PRO B 136 46.72 -27.05 -12.12
N VAL B 137 46.49 -28.21 -12.70
CA VAL B 137 45.27 -28.96 -12.36
C VAL B 137 45.27 -29.33 -10.87
N GLU B 138 46.45 -29.51 -10.30
CA GLU B 138 46.58 -29.81 -8.88
C GLU B 138 46.01 -28.67 -8.02
N GLN B 139 46.26 -27.42 -8.44
CA GLN B 139 45.75 -26.27 -7.72
C GLN B 139 44.24 -26.17 -7.84
N VAL B 140 43.74 -26.31 -9.07
CA VAL B 140 42.31 -26.26 -9.35
C VAL B 140 41.54 -27.29 -8.51
N LEU B 141 42.04 -28.52 -8.52
CA LEU B 141 41.41 -29.60 -7.78
C LEU B 141 41.43 -29.37 -6.26
N GLY B 142 42.50 -28.76 -5.79
CA GLY B 142 42.60 -28.40 -4.37
C GLY B 142 41.55 -27.38 -3.97
N THR B 143 41.37 -26.38 -4.82
CA THR B 143 40.39 -25.32 -4.57
C THR B 143 38.97 -25.90 -4.56
N LEU B 144 38.66 -26.71 -5.57
CA LEU B 144 37.36 -27.39 -5.64
C LEU B 144 37.12 -28.31 -4.43
N ASP B 145 38.14 -29.05 -4.04
CA ASP B 145 38.05 -29.92 -2.86
C ASP B 145 37.71 -29.11 -1.60
N ASP B 146 38.35 -27.96 -1.44
CA ASP B 146 38.07 -27.07 -0.32
C ASP B 146 36.61 -26.58 -0.33
N LEU B 147 36.11 -26.22 -1.51
CA LEU B 147 34.71 -25.77 -1.64
C LEU B 147 33.72 -26.88 -1.28
N VAL B 148 34.06 -28.11 -1.68
CA VAL B 148 33.22 -29.25 -1.35
C VAL B 148 33.23 -29.48 0.16
N ARG B 149 34.42 -29.51 0.75
CA ARG B 149 34.56 -29.71 2.21
C ARG B 149 33.84 -28.62 3.01
N ALA B 150 33.86 -27.38 2.52
CA ALA B 150 33.16 -26.28 3.17
C ALA B 150 31.65 -26.37 3.05
N GLY B 151 31.14 -27.30 2.24
CA GLY B 151 29.69 -27.49 2.10
C GLY B 151 29.05 -26.62 1.04
N LYS B 152 29.88 -25.89 0.27
CA LYS B 152 29.38 -25.01 -0.78
C LYS B 152 29.03 -25.71 -2.09
N VAL B 153 29.61 -26.90 -2.30
CA VAL B 153 29.45 -27.67 -3.54
C VAL B 153 29.34 -29.13 -3.14
N ARG B 154 28.42 -29.86 -3.76
CA ARG B 154 28.32 -31.30 -3.51
C ARG B 154 29.16 -32.12 -4.49
N TYR B 155 28.97 -31.87 -5.78
CA TYR B 155 29.65 -32.62 -6.85
C TYR B 155 30.32 -31.68 -7.82
N ILE B 156 31.41 -32.15 -8.44
CA ILE B 156 32.11 -31.31 -9.40
C ILE B 156 32.15 -31.95 -10.79
N GLY B 157 32.32 -31.09 -11.77
CA GLY B 157 32.39 -31.52 -13.16
C GLY B 157 33.13 -30.53 -14.03
N LEU B 158 33.08 -30.79 -15.34
CA LEU B 158 33.79 -29.98 -16.30
C LEU B 158 33.05 -29.93 -17.61
N SER B 159 33.52 -29.06 -18.49
CA SER B 159 33.00 -28.92 -19.84
C SER B 159 34.14 -28.53 -20.75
N ASN B 160 34.16 -29.12 -21.95
CA ASN B 160 35.07 -28.68 -23.01
C ASN B 160 36.55 -28.96 -22.76
N PHE B 161 36.83 -30.02 -22.02
CA PHE B 161 38.21 -30.47 -21.83
C PHE B 161 38.56 -31.45 -22.95
N SER B 162 39.82 -31.44 -23.36
CA SER B 162 40.34 -32.54 -24.17
C SER B 162 40.38 -33.82 -23.34
N GLY B 163 40.39 -34.96 -24.03
CA GLY B 163 40.54 -36.26 -23.38
C GLY B 163 41.74 -36.29 -22.45
N TRP B 164 42.88 -35.82 -22.92
CA TRP B 164 44.10 -35.85 -22.09
C TRP B 164 44.00 -34.94 -20.86
N GLN B 165 43.32 -33.81 -21.00
CA GLN B 165 43.20 -32.84 -19.92
C GLN B 165 42.30 -33.36 -18.81
N LEU B 166 41.19 -33.99 -19.22
CA LEU B 166 40.29 -34.57 -18.25
C LEU B 166 40.99 -35.75 -17.54
N MET B 167 41.67 -36.59 -18.30
CA MET B 167 42.37 -37.74 -17.69
C MET B 167 43.46 -37.27 -16.72
N LYS B 168 44.21 -36.25 -17.12
CA LYS B 168 45.26 -35.68 -16.24
C LYS B 168 44.65 -35.23 -14.90
N SER B 169 43.50 -34.58 -14.99
CA SER B 169 42.80 -34.11 -13.80
C SER B 169 42.30 -35.26 -12.92
N LEU B 170 41.69 -36.26 -13.55
CA LEU B 170 41.17 -37.41 -12.79
C LEU B 170 42.31 -38.16 -12.09
N ALA B 171 43.42 -38.36 -12.79
CA ALA B 171 44.57 -39.03 -12.18
C ALA B 171 45.13 -38.24 -11.02
N ALA B 172 45.25 -36.92 -11.18
CA ALA B 172 45.72 -36.06 -10.10
C ALA B 172 44.79 -36.11 -8.88
N ALA B 173 43.47 -36.04 -9.11
CA ALA B 173 42.50 -36.11 -7.98
C ALA B 173 42.71 -37.40 -7.19
N ASP B 174 42.78 -38.51 -7.90
CA ASP B 174 42.95 -39.80 -7.23
C ASP B 174 44.26 -39.86 -6.46
N ARG B 175 45.33 -39.39 -7.10
CA ARG B 175 46.63 -39.43 -6.47
C ARG B 175 46.68 -38.57 -5.20
N LEU B 176 46.03 -37.42 -5.25
CA LEU B 176 46.06 -36.47 -4.12
C LEU B 176 44.92 -36.68 -3.11
N GLY B 177 44.04 -37.63 -3.39
CA GLY B 177 42.88 -37.86 -2.52
C GLY B 177 41.88 -36.72 -2.53
N LEU B 178 41.72 -36.10 -3.68
CA LEU B 178 40.79 -34.98 -3.82
C LEU B 178 39.52 -35.43 -4.54
N GLN B 179 38.50 -34.57 -4.55
CA GLN B 179 37.27 -34.86 -5.28
C GLN B 179 37.54 -35.00 -6.77
N ARG B 180 36.86 -35.97 -7.39
CA ARG B 180 36.98 -36.14 -8.83
C ARG B 180 35.76 -35.67 -9.59
N TYR B 181 36.00 -35.32 -10.85
CA TYR B 181 34.90 -34.94 -11.73
C TYR B 181 33.98 -36.13 -11.97
N VAL B 182 32.67 -35.87 -11.86
CA VAL B 182 31.65 -36.89 -12.10
C VAL B 182 30.70 -36.57 -13.24
N ALA B 183 30.79 -35.34 -13.73
CA ALA B 183 29.90 -34.87 -14.80
C ALA B 183 30.71 -34.17 -15.86
N ASN B 184 30.45 -34.54 -17.10
CA ASN B 184 30.98 -33.84 -18.26
C ASN B 184 29.80 -33.21 -19.00
N GLN B 185 29.74 -31.88 -18.95
CA GLN B 185 28.75 -31.12 -19.72
C GLN B 185 29.22 -31.03 -21.13
N THR B 186 28.64 -31.86 -21.98
CA THR B 186 29.14 -32.00 -23.33
C THR B 186 28.09 -31.74 -24.39
N TYR B 187 28.55 -31.17 -25.50
CA TYR B 187 27.77 -31.16 -26.72
C TYR B 187 27.73 -32.58 -27.25
N TYR B 188 26.52 -33.06 -27.52
CA TYR B 188 26.37 -34.35 -28.19
C TYR B 188 25.01 -34.36 -28.87
N SER B 189 25.00 -34.77 -30.14
CA SER B 189 23.75 -34.93 -30.88
C SER B 189 23.96 -35.81 -32.09
N LEU B 190 22.86 -36.21 -32.72
CA LEU B 190 22.93 -36.97 -33.98
C LEU B 190 23.84 -36.31 -35.01
N ILE B 191 23.84 -34.99 -35.08
CA ILE B 191 24.73 -34.29 -36.04
C ILE B 191 26.06 -33.84 -35.45
N GLY B 192 26.31 -34.16 -34.19
CA GLY B 192 27.56 -33.79 -33.53
C GLY B 192 27.99 -34.90 -32.61
N ARG B 193 28.60 -35.92 -33.20
CA ARG B 193 28.90 -37.16 -32.49
C ARG B 193 30.35 -37.23 -32.01
N ASP B 194 31.06 -36.11 -32.07
CA ASP B 194 32.50 -36.05 -31.73
C ASP B 194 32.81 -36.51 -30.32
N TYR B 195 31.87 -36.27 -29.39
CA TYR B 195 31.95 -36.78 -28.02
C TYR B 195 32.35 -38.28 -27.98
N GLU B 196 31.98 -39.02 -29.01
CA GLU B 196 32.26 -40.48 -29.06
C GLU B 196 33.74 -40.86 -29.17
N TRP B 197 34.60 -39.97 -29.62
CA TRP B 197 36.00 -40.37 -29.96
C TRP B 197 36.90 -40.55 -28.78
N GLU B 198 36.93 -39.52 -27.92
CA GLU B 198 37.78 -39.51 -26.71
C GLU B 198 36.96 -39.49 -25.44
N LEU B 199 36.01 -38.55 -25.39
CA LEU B 199 35.36 -38.22 -24.14
C LEU B 199 34.42 -39.30 -23.63
N MET B 200 33.69 -39.94 -24.54
CA MET B 200 32.82 -41.06 -24.15
C MET B 200 33.62 -42.25 -23.59
N PRO B 201 34.62 -42.75 -24.34
CA PRO B 201 35.31 -43.91 -23.77
C PRO B 201 36.07 -43.57 -22.49
N LEU B 202 36.58 -42.36 -22.37
CA LEU B 202 37.16 -41.89 -21.11
C LEU B 202 36.13 -41.90 -19.98
N GLY B 203 34.94 -41.39 -20.29
CA GLY B 203 33.83 -41.34 -19.33
C GLY B 203 33.44 -42.73 -18.85
N ILE B 204 33.42 -43.67 -19.79
CA ILE B 204 33.15 -45.07 -19.45
C ILE B 204 34.25 -45.58 -18.53
N ASP B 205 35.50 -45.35 -18.92
CA ASP B 205 36.63 -45.90 -18.19
C ASP B 205 36.74 -45.31 -16.79
N GLN B 206 36.39 -44.03 -16.65
CA GLN B 206 36.67 -43.31 -15.41
C GLN B 206 35.42 -42.86 -14.63
N GLY B 207 34.25 -43.31 -15.06
CA GLY B 207 33.02 -43.04 -14.28
C GLY B 207 32.59 -41.59 -14.29
N VAL B 208 32.66 -40.98 -15.47
CA VAL B 208 32.20 -39.61 -15.66
C VAL B 208 30.95 -39.68 -16.52
N GLY B 209 29.85 -39.14 -16.02
CA GLY B 209 28.59 -39.15 -16.75
C GLY B 209 28.43 -37.90 -17.57
N ALA B 210 27.78 -38.03 -18.72
CA ALA B 210 27.52 -36.91 -19.61
C ALA B 210 26.20 -36.21 -19.25
N ILE B 211 26.28 -34.90 -19.12
CA ILE B 211 25.09 -34.06 -19.14
C ILE B 211 25.13 -33.35 -20.48
N VAL B 212 24.16 -33.67 -21.33
CA VAL B 212 24.22 -33.30 -22.74
C VAL B 212 23.53 -31.98 -23.02
N TRP B 213 24.23 -31.09 -23.70
CA TRP B 213 23.66 -29.83 -24.17
C TRP B 213 23.63 -29.74 -25.71
N SER B 214 22.80 -28.81 -26.18
CA SER B 214 22.43 -28.69 -27.59
C SER B 214 22.10 -30.03 -28.24
N PRO B 215 21.18 -30.80 -27.62
CA PRO B 215 20.87 -32.15 -28.12
C PRO B 215 20.20 -32.16 -29.51
N LEU B 216 19.67 -31.02 -29.93
CA LEU B 216 19.07 -30.91 -31.27
C LEU B 216 20.03 -30.27 -32.28
N GLY B 217 21.29 -30.16 -31.89
CA GLY B 217 22.33 -29.54 -32.72
C GLY B 217 22.04 -28.09 -33.07
N TRP B 218 21.71 -27.29 -32.05
CA TRP B 218 21.32 -25.87 -32.18
C TRP B 218 20.10 -25.67 -33.05
N GLY B 219 19.05 -26.42 -32.77
CA GLY B 219 17.79 -26.32 -33.50
C GLY B 219 17.76 -26.97 -34.88
N ARG B 220 18.85 -27.60 -35.29
CA ARG B 220 18.94 -28.20 -36.63
C ARG B 220 18.19 -29.54 -36.77
N LEU B 221 17.90 -30.21 -35.66
CA LEU B 221 17.19 -31.51 -35.67
C LEU B 221 15.72 -31.40 -35.25
N THR B 222 15.14 -30.24 -35.47
CA THR B 222 13.74 -29.98 -35.11
C THR B 222 12.76 -30.42 -36.20
N GLY B 223 13.25 -30.54 -37.43
CA GLY B 223 12.38 -30.76 -38.59
C GLY B 223 12.10 -29.48 -39.36
N LYS B 224 12.37 -28.32 -38.74
CA LYS B 224 12.18 -27.02 -39.38
C LYS B 224 13.28 -26.69 -40.41
N PRO B 246 30.21 -26.04 -37.42
CA PRO B 246 29.20 -25.94 -38.48
C PRO B 246 28.96 -27.28 -39.20
N VAL B 247 27.77 -27.46 -39.72
CA VAL B 247 27.42 -28.69 -40.41
C VAL B 247 27.10 -28.44 -41.88
N ASP B 248 27.60 -29.30 -42.76
CA ASP B 248 27.27 -29.20 -44.17
C ASP B 248 25.83 -29.65 -44.37
N ASP B 249 25.11 -28.93 -45.22
CA ASP B 249 23.71 -29.18 -45.44
C ASP B 249 23.42 -30.59 -45.94
N GLU B 250 24.24 -31.10 -46.84
CA GLU B 250 24.00 -32.43 -47.43
C GLU B 250 23.93 -33.50 -46.33
N ARG B 251 24.84 -33.40 -45.36
CA ARG B 251 24.84 -34.33 -44.24
C ARG B 251 23.63 -34.16 -43.35
N LEU B 252 23.32 -32.92 -42.99
CA LEU B 252 22.13 -32.63 -42.21
C LEU B 252 20.89 -33.24 -42.87
N TYR B 253 20.74 -33.01 -44.18
CA TYR B 253 19.57 -33.50 -44.90
C TYR B 253 19.50 -35.03 -44.93
N ARG B 254 20.64 -35.71 -45.00
CA ARG B 254 20.66 -37.17 -44.91
C ARG B 254 20.22 -37.66 -43.54
N VAL B 255 20.64 -36.95 -42.50
CA VAL B 255 20.22 -37.30 -41.14
C VAL B 255 18.71 -37.07 -40.97
N VAL B 256 18.24 -35.91 -41.41
CA VAL B 256 16.80 -35.61 -41.37
C VAL B 256 15.97 -36.65 -42.15
N ASP B 257 16.45 -37.06 -43.34
CA ASP B 257 15.78 -38.15 -44.09
C ASP B 257 15.60 -39.40 -43.25
N ALA B 258 16.66 -39.81 -42.57
CA ALA B 258 16.62 -41.02 -41.73
C ALA B 258 15.67 -40.82 -40.56
N MET B 259 15.69 -39.63 -39.98
CA MET B 259 14.77 -39.31 -38.90
C MET B 259 13.31 -39.34 -39.36
N ASP B 260 13.06 -38.82 -40.56
CA ASP B 260 11.70 -38.82 -41.15
C ASP B 260 11.21 -40.25 -41.33
N GLU B 261 12.08 -41.13 -41.80
CA GLU B 261 11.71 -42.53 -41.99
C GLU B 261 11.34 -43.15 -40.63
N VAL B 262 12.12 -42.85 -39.60
CA VAL B 262 11.87 -43.37 -38.25
C VAL B 262 10.57 -42.76 -37.68
N ALA B 263 10.33 -41.50 -37.99
CA ALA B 263 9.11 -40.83 -37.55
C ALA B 263 7.87 -41.55 -38.10
N LEU B 264 7.97 -41.98 -39.36
CA LEU B 264 6.88 -42.72 -39.98
C LEU B 264 6.61 -44.01 -39.25
N GLU B 265 7.67 -44.74 -38.90
CA GLU B 265 7.52 -45.98 -38.15
C GLU B 265 6.96 -45.79 -36.75
N THR B 266 7.47 -44.78 -36.05
CA THR B 266 7.24 -44.64 -34.60
C THR B 266 6.05 -43.73 -34.27
N GLY B 267 5.73 -42.82 -35.17
CA GLY B 267 4.78 -41.75 -34.90
C GLY B 267 5.30 -40.66 -33.98
N LYS B 268 6.61 -40.66 -33.74
CA LYS B 268 7.24 -39.67 -32.85
C LYS B 268 7.79 -38.51 -33.65
N THR B 269 7.98 -37.38 -32.98
CA THR B 269 8.48 -36.18 -33.65
C THR B 269 9.99 -36.27 -33.78
N LEU B 270 10.54 -35.44 -34.65
CA LEU B 270 12.00 -35.41 -34.83
C LEU B 270 12.76 -35.07 -33.54
N PRO B 271 12.34 -34.03 -32.79
CA PRO B 271 13.00 -33.79 -31.50
C PRO B 271 12.92 -34.99 -30.53
N GLN B 272 11.78 -35.66 -30.49
CA GLN B 272 11.63 -36.84 -29.63
C GLN B 272 12.57 -37.99 -30.03
N ILE B 273 12.76 -38.16 -31.33
CA ILE B 273 13.68 -39.16 -31.87
C ILE B 273 15.14 -38.81 -31.54
N ALA B 274 15.49 -37.54 -31.72
CA ALA B 274 16.84 -37.04 -31.40
C ALA B 274 17.18 -37.28 -29.93
N LEU B 275 16.23 -36.93 -29.05
CA LEU B 275 16.43 -37.10 -27.61
C LEU B 275 16.47 -38.55 -27.19
N ASN B 276 15.54 -39.35 -27.73
CA ASN B 276 15.51 -40.78 -27.44
C ASN B 276 16.81 -41.47 -27.86
N TRP B 277 17.34 -41.06 -29.01
CA TRP B 277 18.61 -41.60 -29.50
C TRP B 277 19.74 -41.30 -28.50
N LEU B 278 19.82 -40.05 -28.03
CA LEU B 278 20.85 -39.67 -27.03
C LEU B 278 20.76 -40.46 -25.74
N LEU B 279 19.54 -40.64 -25.26
CA LEU B 279 19.30 -41.38 -24.03
C LEU B 279 19.72 -42.84 -24.10
N GLN B 280 19.87 -43.39 -25.30
CA GLN B 280 20.42 -44.74 -25.41
C GLN B 280 21.95 -44.80 -25.44
N ARG B 281 22.63 -43.67 -25.55
CA ARG B 281 24.07 -43.69 -25.77
C ARG B 281 24.82 -43.90 -24.46
N PRO B 282 25.94 -44.62 -24.49
CA PRO B 282 26.71 -44.82 -23.27
C PRO B 282 27.10 -43.50 -22.58
N THR B 283 27.11 -43.55 -21.25
CA THR B 283 27.48 -42.43 -20.32
C THR B 283 26.44 -41.35 -20.13
N VAL B 284 25.42 -41.28 -21.00
CA VAL B 284 24.47 -40.19 -20.92
C VAL B 284 23.64 -40.32 -19.64
N ALA B 285 23.75 -39.32 -18.77
CA ALA B 285 23.02 -39.31 -17.50
C ALA B 285 21.81 -38.39 -17.56
N SER B 286 21.96 -37.26 -18.24
CA SER B 286 20.86 -36.33 -18.42
C SER B 286 21.04 -35.53 -19.69
N VAL B 287 19.92 -35.16 -20.29
CA VAL B 287 19.91 -34.31 -21.48
C VAL B 287 19.17 -33.03 -21.13
N LEU B 288 19.81 -31.90 -21.42
CA LEU B 288 19.22 -30.60 -21.08
C LEU B 288 18.30 -30.17 -22.20
N ILE B 289 17.08 -29.85 -21.82
CA ILE B 289 16.10 -29.40 -22.79
C ILE B 289 15.62 -28.01 -22.43
N GLY B 290 14.93 -27.39 -23.37
CA GLY B 290 14.29 -26.10 -23.15
C GLY B 290 12.80 -26.34 -23.00
N ALA B 291 12.15 -25.47 -22.25
CA ALA B 291 10.71 -25.59 -22.05
C ALA B 291 10.17 -24.23 -21.69
N ARG B 292 9.50 -23.59 -22.66
CA ARG B 292 8.90 -22.29 -22.45
C ARG B 292 7.53 -22.43 -21.77
N ASP B 293 6.92 -23.60 -21.90
CA ASP B 293 5.58 -23.81 -21.37
C ASP B 293 5.27 -25.29 -21.25
N GLU B 294 4.10 -25.58 -20.69
CA GLU B 294 3.64 -26.95 -20.49
C GLU B 294 3.69 -27.77 -21.78
N GLU B 295 3.23 -27.16 -22.89
CA GLU B 295 3.14 -27.85 -24.16
C GLU B 295 4.52 -28.29 -24.65
N GLN B 296 5.49 -27.39 -24.59
CA GLN B 296 6.86 -27.70 -25.00
C GLN B 296 7.53 -28.72 -24.09
N LEU B 297 7.32 -28.58 -22.79
CA LEU B 297 7.85 -29.53 -21.84
C LEU B 297 7.27 -30.90 -22.13
N MET B 298 5.97 -30.93 -22.39
CA MET B 298 5.29 -32.19 -22.68
C MET B 298 5.81 -32.87 -23.95
N GLN B 299 6.12 -32.10 -24.98
CA GLN B 299 6.69 -32.66 -26.20
C GLN B 299 8.04 -33.32 -25.90
N ASN B 300 8.88 -32.64 -25.13
CA ASN B 300 10.17 -33.20 -24.73
C ASN B 300 10.06 -34.45 -23.87
N LEU B 301 9.09 -34.46 -22.96
CA LEU B 301 8.85 -35.66 -22.14
C LEU B 301 8.41 -36.86 -22.99
N GLY B 302 7.90 -36.58 -24.19
CA GLY B 302 7.57 -37.62 -25.17
C GLY B 302 8.77 -38.40 -25.66
N ALA B 303 9.98 -37.96 -25.31
CA ALA B 303 11.22 -38.72 -25.54
C ALA B 303 11.32 -39.96 -24.63
N LEU B 304 10.57 -39.93 -23.53
CA LEU B 304 10.61 -41.00 -22.51
C LEU B 304 9.43 -41.95 -22.71
N GLY B 305 9.55 -43.17 -22.20
CA GLY B 305 8.44 -44.14 -22.20
C GLY B 305 8.38 -45.07 -23.40
N TRP B 306 9.40 -45.00 -24.25
CA TRP B 306 9.52 -45.85 -25.44
C TRP B 306 10.99 -45.88 -25.81
N GLN B 307 11.36 -46.78 -26.72
CA GLN B 307 12.74 -46.92 -27.17
C GLN B 307 12.80 -47.13 -28.66
N LEU B 308 13.70 -46.37 -29.30
CA LEU B 308 14.11 -46.69 -30.65
C LEU B 308 14.64 -48.12 -30.65
N THR B 309 14.28 -48.88 -31.69
CA THR B 309 14.73 -50.26 -31.82
C THR B 309 16.20 -50.30 -32.26
N THR B 310 16.82 -51.45 -32.09
CA THR B 310 18.18 -51.68 -32.57
C THR B 310 18.33 -51.24 -34.02
N GLU B 311 17.36 -51.64 -34.85
CA GLU B 311 17.39 -51.36 -36.28
C GLU B 311 17.26 -49.86 -36.55
N GLN B 312 16.37 -49.19 -35.82
CA GLN B 312 16.17 -47.75 -35.96
C GLN B 312 17.42 -46.99 -35.54
N VAL B 313 18.01 -47.36 -34.41
CA VAL B 313 19.28 -46.76 -33.99
C VAL B 313 20.37 -46.99 -35.04
N ALA B 314 20.44 -48.19 -35.58
CA ALA B 314 21.46 -48.51 -36.60
C ALA B 314 21.28 -47.66 -37.85
N ARG B 315 20.03 -47.45 -38.24
CA ARG B 315 19.70 -46.58 -39.38
C ARG B 315 20.14 -45.15 -39.11
N LEU B 316 19.87 -44.67 -37.90
CA LEU B 316 20.25 -43.30 -37.53
C LEU B 316 21.76 -43.14 -37.43
N ASP B 317 22.41 -44.16 -36.89
CA ASP B 317 23.86 -44.15 -36.76
C ASP B 317 24.52 -44.13 -38.13
N ALA B 318 23.97 -44.90 -39.07
CA ALA B 318 24.56 -44.99 -40.41
C ALA B 318 24.45 -43.63 -41.11
N ALA B 319 23.28 -43.00 -40.99
CA ALA B 319 23.04 -41.70 -41.63
C ALA B 319 23.92 -40.60 -41.04
N SER B 320 24.14 -40.66 -39.73
CA SER B 320 24.93 -39.64 -39.02
C SER B 320 26.43 -39.92 -38.93
N ALA B 321 26.86 -41.10 -39.38
CA ALA B 321 28.26 -41.49 -39.24
C ALA B 321 29.18 -40.52 -39.99
N VAL B 322 30.29 -40.18 -39.36
CA VAL B 322 31.35 -39.40 -40.02
C VAL B 322 32.67 -40.13 -39.88
N THR B 323 33.60 -39.79 -40.76
CA THR B 323 34.92 -40.40 -40.73
C THR B 323 35.64 -39.97 -39.45
N PRO B 324 36.00 -40.91 -38.58
CA PRO B 324 36.75 -40.55 -37.38
C PRO B 324 38.15 -40.01 -37.70
N PRO B 325 38.61 -39.01 -36.94
CA PRO B 325 39.99 -38.54 -37.08
C PRO B 325 41.01 -39.60 -36.67
N TYR B 326 42.26 -39.37 -37.02
CA TYR B 326 43.40 -40.11 -36.42
C TYR B 326 43.54 -39.64 -34.95
N PRO B 327 43.82 -40.53 -33.97
CA PRO B 327 44.15 -41.94 -34.14
C PRO B 327 42.99 -42.93 -33.99
N TYR B 328 41.76 -42.43 -33.94
CA TYR B 328 40.55 -43.29 -33.71
C TYR B 328 40.24 -44.14 -34.93
N TYR B 329 40.55 -43.60 -36.09
CA TYR B 329 40.19 -44.19 -37.38
C TYR B 329 40.44 -45.70 -37.49
N PRO B 330 41.66 -46.18 -37.20
CA PRO B 330 41.87 -47.62 -37.35
C PRO B 330 41.17 -48.49 -36.32
N TYR B 331 40.70 -47.91 -35.23
CA TYR B 331 39.87 -48.67 -34.28
C TYR B 331 38.44 -48.75 -34.80
N TRP B 332 37.93 -47.61 -35.28
CA TRP B 332 36.57 -47.54 -35.79
C TRP B 332 36.35 -48.33 -37.10
N ASN B 333 37.39 -48.45 -37.91
CA ASN B 333 37.26 -49.18 -39.18
C ASN B 333 37.55 -50.67 -39.01
N GLY B 334 37.87 -51.08 -37.79
CA GLY B 334 37.99 -52.50 -37.42
C GLY B 334 39.41 -53.03 -37.31
N GLN B 335 40.37 -52.32 -37.90
CA GLN B 335 41.77 -52.77 -37.94
C GLN B 335 42.36 -53.10 -36.54
N PHE B 336 42.17 -52.19 -35.59
CA PHE B 336 42.66 -52.37 -34.21
C PHE B 336 41.54 -52.63 -33.18
N ALA B 337 40.35 -52.95 -33.69
CA ALA B 337 39.17 -53.11 -32.83
C ALA B 337 39.21 -54.33 -31.92
N GLU B 338 39.94 -55.36 -32.31
CA GLU B 338 39.99 -56.59 -31.52
C GLU B 338 40.28 -56.33 -30.03
N ARG B 339 41.35 -55.60 -29.77
CA ARG B 339 41.81 -55.37 -28.40
C ARG B 339 41.32 -54.04 -27.83
N SER B 340 40.66 -53.23 -28.62
CA SER B 340 40.17 -51.95 -28.13
C SER B 340 38.89 -51.55 -28.87
N PRO B 341 37.79 -52.26 -28.55
CA PRO B 341 36.57 -52.00 -29.29
C PRO B 341 36.01 -50.62 -29.00
N VAL B 342 35.20 -50.15 -29.93
CA VAL B 342 34.55 -48.87 -29.83
C VAL B 342 33.24 -49.07 -29.05
N ALA B 343 32.88 -48.09 -28.20
CA ALA B 343 31.68 -48.20 -27.32
C ALA B 343 30.31 -48.16 -28.00
N VAL B 344 30.27 -47.55 -29.18
CA VAL B 344 29.04 -47.48 -29.98
C VAL B 344 29.23 -48.12 -31.35
N SER C 1 -6.42 -1.66 -13.24
CA SER C 1 -5.37 -1.23 -12.26
C SER C 1 -5.94 -1.21 -10.83
N MET C 2 -5.14 -1.65 -9.87
CA MET C 2 -5.62 -1.80 -8.49
C MET C 2 -5.70 -0.43 -7.81
N GLU C 3 -6.79 -0.21 -7.10
CA GLU C 3 -6.94 1.00 -6.30
CA GLU C 3 -6.97 0.99 -6.28
C GLU C 3 -6.33 0.74 -4.91
N HIS C 4 -5.76 1.79 -4.30
CA HIS C 4 -5.15 1.69 -2.97
C HIS C 4 -5.74 2.71 -2.01
N ARG C 5 -5.86 2.33 -0.74
CA ARG C 5 -6.52 3.15 0.26
C ARG C 5 -5.69 3.21 1.53
N TYR C 6 -5.83 4.33 2.24
CA TYR C 6 -5.17 4.46 3.52
C TYR C 6 -5.88 3.58 4.53
N LEU C 7 -5.10 2.89 5.34
CA LEU C 7 -5.62 2.04 6.38
C LEU C 7 -5.85 2.87 7.63
N GLY C 8 -7.09 3.31 7.79
CA GLY C 8 -7.40 4.26 8.84
C GLY C 8 -6.53 5.52 8.74
N ASN C 9 -6.07 6.00 9.89
CA ASN C 9 -5.26 7.21 9.96
CA ASN C 9 -5.26 7.21 9.96
C ASN C 9 -3.76 6.90 9.96
N SER C 10 -3.40 5.65 9.63
CA SER C 10 -2.02 5.18 9.76
C SER C 10 -0.97 5.70 8.76
N GLY C 11 -1.43 6.24 7.65
CA GLY C 11 -0.57 6.64 6.55
C GLY C 11 -0.07 5.48 5.69
N PHE C 12 -0.47 4.27 6.05
CA PHE C 12 -0.09 3.05 5.32
C PHE C 12 -1.19 2.70 4.32
N LYS C 13 -0.82 2.32 3.11
CA LYS C 13 -1.80 2.01 2.07
C LYS C 13 -1.93 0.51 1.84
N VAL C 14 -3.18 0.10 1.63
CA VAL C 14 -3.52 -1.28 1.27
C VAL C 14 -4.28 -1.29 -0.04
N PRO C 15 -4.22 -2.42 -0.76
CA PRO C 15 -5.08 -2.55 -1.93
C PRO C 15 -6.55 -2.66 -1.54
N ALA C 16 -7.42 -2.12 -2.37
CA ALA C 16 -8.86 -2.11 -2.12
C ALA C 16 -9.45 -3.52 -2.07
N LEU C 17 -8.78 -4.45 -2.74
CA LEU C 17 -9.16 -5.85 -2.64
C LEU C 17 -7.97 -6.61 -2.14
N GLY C 18 -8.23 -7.49 -1.18
CA GLY C 18 -7.22 -8.34 -0.61
C GLY C 18 -7.64 -9.79 -0.75
N PHE C 19 -6.70 -10.68 -0.51
CA PHE C 19 -6.95 -12.10 -0.60
C PHE C 19 -7.09 -12.72 0.79
N GLY C 20 -8.27 -13.28 1.05
CA GLY C 20 -8.55 -13.89 2.33
C GLY C 20 -8.33 -15.38 2.21
N THR C 21 -7.37 -15.91 2.96
CA THR C 21 -7.13 -17.34 2.94
C THR C 21 -8.23 -18.06 3.74
N GLY C 22 -9.08 -17.29 4.43
CA GLY C 22 -10.30 -17.83 5.04
C GLY C 22 -11.39 -17.95 3.99
N PHE C 31 -7.17 -22.41 1.26
CA PHE C 31 -5.91 -22.99 1.73
C PHE C 31 -6.18 -24.03 2.83
N ASP C 38 -0.88 -28.58 -2.18
CA ASP C 38 -0.52 -28.16 -3.53
C ASP C 38 0.34 -26.88 -3.49
N VAL C 39 1.65 -27.09 -3.45
CA VAL C 39 2.60 -25.98 -3.31
C VAL C 39 2.63 -25.14 -4.60
N ALA C 40 2.63 -25.82 -5.75
CA ALA C 40 2.62 -25.12 -7.03
C ALA C 40 1.36 -24.29 -7.19
N GLY C 41 0.23 -24.85 -6.75
CA GLY C 41 -1.07 -24.20 -6.86
C GLY C 41 -1.10 -22.92 -6.02
N ALA C 42 -0.57 -23.01 -4.81
CA ALA C 42 -0.53 -21.88 -3.89
C ALA C 42 0.37 -20.78 -4.46
N ARG C 43 1.53 -21.16 -5.00
CA ARG C 43 2.42 -20.19 -5.61
C ARG C 43 1.75 -19.50 -6.79
N ARG C 44 0.95 -20.25 -7.54
CA ARG C 44 0.26 -19.72 -8.71
C ARG C 44 -0.78 -18.68 -8.26
N ILE C 45 -1.55 -19.02 -7.24
CA ILE C 45 -2.59 -18.11 -6.71
C ILE C 45 -1.97 -16.82 -6.23
N ILE C 46 -0.89 -16.93 -5.48
CA ILE C 46 -0.13 -15.76 -5.05
C ILE C 46 0.35 -14.95 -6.26
N ASP C 47 0.87 -15.62 -7.28
CA ASP C 47 1.37 -14.89 -8.44
C ASP C 47 0.29 -14.18 -9.22
N ILE C 48 -0.88 -14.82 -9.40
CA ILE C 48 -1.95 -14.16 -10.14
C ILE C 48 -2.47 -12.97 -9.31
N CYS C 49 -2.51 -13.14 -7.99
CA CYS C 49 -2.91 -12.03 -7.10
C CYS C 49 -1.93 -10.86 -7.20
N LEU C 50 -0.65 -11.16 -7.04
CA LEU C 50 0.38 -10.12 -7.14
C LEU C 50 0.34 -9.39 -8.47
N ASP C 51 0.17 -10.14 -9.55
CA ASP C 51 0.09 -9.54 -10.90
C ASP C 51 -1.07 -8.57 -11.02
N ALA C 52 -2.17 -8.88 -10.35
CA ALA C 52 -3.37 -8.03 -10.37
C ALA C 52 -3.34 -6.90 -9.35
N GLY C 53 -2.29 -6.85 -8.52
CA GLY C 53 -2.17 -5.85 -7.47
C GLY C 53 -2.87 -6.23 -6.18
N VAL C 54 -3.39 -7.44 -6.11
CA VAL C 54 -3.97 -7.95 -4.89
C VAL C 54 -2.82 -8.50 -4.04
N ASN C 55 -2.16 -7.63 -3.30
CA ASN C 55 -0.97 -8.04 -2.56
C ASN C 55 -1.12 -8.06 -1.03
N LEU C 56 -2.36 -7.91 -0.56
CA LEU C 56 -2.71 -8.12 0.84
C LEU C 56 -3.19 -9.55 0.98
N PHE C 57 -2.55 -10.32 1.86
CA PHE C 57 -2.92 -11.71 2.14
C PHE C 57 -3.25 -11.85 3.61
N ASP C 58 -4.46 -12.30 3.89
CA ASP C 58 -4.96 -12.40 5.26
C ASP C 58 -5.11 -13.87 5.68
N THR C 59 -4.65 -14.15 6.90
CA THR C 59 -4.73 -15.50 7.45
C THR C 59 -4.91 -15.44 8.97
N ALA C 60 -4.88 -16.60 9.61
CA ALA C 60 -5.00 -16.71 11.05
C ALA C 60 -4.43 -18.03 11.51
N ASP C 61 -3.99 -18.08 12.78
CA ASP C 61 -3.44 -19.34 13.32
C ASP C 61 -4.47 -20.49 13.30
N VAL C 62 -5.72 -20.15 13.57
CA VAL C 62 -6.78 -21.16 13.62
C VAL C 62 -7.25 -21.67 12.24
N TYR C 63 -6.89 -21.00 11.15
CA TYR C 63 -7.28 -21.49 9.83
C TYR C 63 -6.51 -22.81 9.56
N SER C 64 -7.25 -23.92 9.60
CA SER C 64 -6.72 -25.30 9.47
C SER C 64 -5.56 -25.60 10.42
N ASN C 65 -5.70 -25.17 11.66
CA ASN C 65 -4.73 -25.43 12.72
C ASN C 65 -3.29 -25.10 12.35
N GLY C 66 -3.10 -23.93 11.75
CA GLY C 66 -1.77 -23.46 11.40
C GLY C 66 -1.36 -23.71 9.96
N ALA C 67 -2.07 -24.61 9.27
CA ALA C 67 -1.67 -25.00 7.90
C ALA C 67 -1.85 -23.86 6.90
N SER C 68 -2.86 -23.02 7.10
CA SER C 68 -3.07 -21.86 6.22
C SER C 68 -1.87 -20.90 6.25
N GLU C 69 -1.38 -20.57 7.46
CA GLU C 69 -0.18 -19.73 7.58
C GLU C 69 1.04 -20.39 6.93
N SER C 70 1.21 -21.67 7.15
CA SER C 70 2.37 -22.39 6.58
C SER C 70 2.32 -22.40 5.05
N ILE C 71 1.14 -22.65 4.51
CA ILE C 71 0.97 -22.69 3.06
C ILE C 71 1.19 -21.31 2.45
N LEU C 72 0.63 -20.28 3.10
CA LEU C 72 0.88 -18.92 2.66
C LEU C 72 2.36 -18.57 2.69
N GLY C 73 3.02 -18.92 3.78
CA GLY C 73 4.45 -18.64 3.91
C GLY C 73 5.25 -19.28 2.79
N ALA C 74 4.92 -20.52 2.50
CA ALA C 74 5.62 -21.26 1.45
C ALA C 74 5.37 -20.65 0.08
N ALA C 75 4.13 -20.22 -0.16
CA ALA C 75 3.78 -19.58 -1.43
C ALA C 75 4.44 -18.23 -1.63
N LEU C 76 4.60 -17.48 -0.53
CA LEU C 76 5.19 -16.14 -0.59
C LEU C 76 6.69 -16.16 -0.61
N LYS C 77 7.28 -17.26 -0.19
CA LYS C 77 8.72 -17.35 -0.19
C LYS C 77 9.28 -16.98 -1.58
N GLY C 78 10.18 -16.02 -1.59
CA GLY C 78 10.75 -15.48 -2.83
C GLY C 78 10.13 -14.17 -3.27
N ARG C 79 8.96 -13.84 -2.72
CA ARG C 79 8.25 -12.64 -3.10
C ARG C 79 7.67 -11.90 -1.90
N ARG C 80 8.09 -12.24 -0.69
CA ARG C 80 7.39 -11.77 0.51
C ARG C 80 7.44 -10.25 0.64
N ASP C 81 8.54 -9.66 0.17
CA ASP C 81 8.73 -8.21 0.19
C ASP C 81 7.72 -7.45 -0.71
N LYS C 82 7.02 -8.16 -1.58
CA LYS C 82 5.98 -7.58 -2.43
C LYS C 82 4.58 -7.72 -1.83
N ALA C 83 4.47 -8.37 -0.66
CA ALA C 83 3.21 -8.69 -0.04
C ALA C 83 3.02 -7.94 1.28
N ILE C 84 1.76 -7.70 1.59
CA ILE C 84 1.35 -7.19 2.89
C ILE C 84 0.67 -8.37 3.57
N VAL C 85 1.29 -8.86 4.63
CA VAL C 85 0.78 -10.05 5.32
C VAL C 85 0.03 -9.62 6.56
N SER C 86 -1.23 -10.04 6.61
CA SER C 86 -2.14 -9.76 7.71
C SER C 86 -2.43 -11.09 8.41
N THR C 87 -2.22 -11.14 9.72
CA THR C 87 -2.63 -12.34 10.45
C THR C 87 -3.29 -12.03 11.78
N LYS C 88 -3.99 -13.03 12.28
CA LYS C 88 -4.80 -12.95 13.48
C LYS C 88 -4.39 -14.02 14.46
N LEU C 89 -4.47 -13.66 15.74
CA LEU C 89 -4.28 -14.63 16.83
C LEU C 89 -5.10 -14.22 18.04
N SER C 90 -5.11 -15.14 19.01
CA SER C 90 -5.73 -15.05 20.34
C SER C 90 -6.91 -16.04 20.53
N LEU C 91 -7.42 -16.63 19.45
CA LEU C 91 -8.41 -17.70 19.62
C LEU C 91 -7.70 -18.97 20.09
N ARG C 92 -8.47 -19.87 20.66
CA ARG C 92 -7.91 -21.09 21.21
C ARG C 92 -7.26 -21.88 20.09
N ILE C 93 -6.01 -22.23 20.29
CA ILE C 93 -5.24 -22.91 19.25
C ILE C 93 -4.62 -24.22 19.76
N GLY C 94 -4.94 -24.58 21.00
CA GLY C 94 -4.42 -25.80 21.62
C GLY C 94 -5.29 -26.16 22.81
N GLU C 95 -4.94 -27.24 23.50
CA GLU C 95 -5.77 -27.71 24.62
C GLU C 95 -5.31 -27.14 25.97
N GLY C 96 -4.14 -26.51 25.99
CA GLY C 96 -3.56 -26.01 27.24
C GLY C 96 -4.30 -24.81 27.82
N PRO C 97 -4.17 -24.61 29.12
CA PRO C 97 -4.91 -23.49 29.72
C PRO C 97 -4.44 -22.11 29.24
N ASN C 98 -3.21 -22.01 28.74
CA ASN C 98 -2.71 -20.74 28.20
C ASN C 98 -2.51 -20.74 26.66
N ASP C 99 -3.16 -21.67 25.97
CA ASP C 99 -3.15 -21.75 24.47
C ASP C 99 -4.30 -20.94 23.86
N VAL C 100 -4.52 -19.75 24.40
CA VAL C 100 -5.69 -18.95 24.06
C VAL C 100 -5.49 -17.57 24.70
N GLY C 101 -6.22 -16.59 24.19
CA GLY C 101 -6.27 -15.27 24.81
C GLY C 101 -5.13 -14.34 24.45
N SER C 102 -5.08 -13.22 25.16
CA SER C 102 -4.19 -12.13 24.79
C SER C 102 -3.21 -11.82 25.91
N SER C 103 -3.07 -12.73 26.87
CA SER C 103 -2.11 -12.50 27.95
C SER C 103 -0.70 -12.61 27.37
N ARG C 104 0.26 -12.04 28.08
CA ARG C 104 1.59 -11.88 27.53
C ARG C 104 2.18 -13.20 27.05
N HIS C 105 2.00 -14.24 27.85
CA HIS C 105 2.52 -15.56 27.52
C HIS C 105 2.06 -16.04 26.13
N HIS C 106 0.76 -16.04 25.92
CA HIS C 106 0.24 -16.53 24.66
C HIS C 106 0.56 -15.57 23.49
N LEU C 107 0.46 -14.26 23.71
CA LEU C 107 0.71 -13.31 22.61
C LEU C 107 2.12 -13.45 22.07
N ILE C 108 3.08 -13.55 22.97
CA ILE C 108 4.47 -13.70 22.55
C ILE C 108 4.67 -15.05 21.84
N ALA C 109 4.22 -16.13 22.46
CA ALA C 109 4.40 -17.45 21.90
C ALA C 109 3.71 -17.57 20.54
N ALA C 110 2.48 -17.07 20.45
CA ALA C 110 1.72 -17.16 19.21
C ALA C 110 2.28 -16.28 18.08
N THR C 111 2.79 -15.10 18.43
CA THR C 111 3.38 -14.24 17.41
C THR C 111 4.63 -14.91 16.82
N ASN C 112 5.49 -15.44 17.69
CA ASN C 112 6.68 -16.15 17.23
C ASN C 112 6.35 -17.38 16.41
N ALA C 113 5.32 -18.11 16.83
CA ALA C 113 4.86 -19.29 16.09
C ALA C 113 4.36 -18.93 14.70
N ALA C 114 3.63 -17.82 14.60
CA ALA C 114 3.14 -17.35 13.30
C ALA C 114 4.30 -16.96 12.38
N LEU C 115 5.29 -16.27 12.94
CA LEU C 115 6.46 -15.87 12.17
C LEU C 115 7.20 -17.11 11.62
N GLN C 116 7.26 -18.15 12.44
CA GLN C 116 7.89 -19.42 12.05
C GLN C 116 7.10 -20.09 10.92
N ARG C 117 5.79 -20.17 11.07
CA ARG C 117 4.95 -20.78 10.02
C ARG C 117 4.96 -19.98 8.70
N LEU C 118 4.86 -18.66 8.83
CA LEU C 118 4.90 -17.78 7.66
C LEU C 118 6.30 -17.70 7.05
N ASP C 119 7.31 -18.18 7.78
CA ASP C 119 8.70 -18.18 7.33
C ASP C 119 9.19 -16.77 6.99
N THR C 120 8.89 -15.82 7.86
CA THR C 120 9.31 -14.43 7.66
C THR C 120 9.71 -13.82 9.01
N ASP C 121 10.41 -12.70 8.97
CA ASP C 121 10.87 -12.05 10.20
C ASP C 121 9.91 -10.93 10.70
N TYR C 122 8.89 -10.62 9.90
CA TYR C 122 7.91 -9.63 10.33
C TYR C 122 6.54 -9.86 9.68
N ILE C 123 5.52 -9.34 10.36
CA ILE C 123 4.13 -9.37 9.93
C ILE C 123 3.72 -7.91 9.71
N ASP C 124 3.04 -7.62 8.61
CA ASP C 124 2.66 -6.24 8.33
C ASP C 124 1.54 -5.77 9.25
N ILE C 125 0.53 -6.62 9.41
CA ILE C 125 -0.64 -6.27 10.23
C ILE C 125 -0.98 -7.46 11.12
N LEU C 126 -0.78 -7.28 12.41
CA LEU C 126 -1.16 -8.29 13.40
C LEU C 126 -2.45 -7.87 14.09
N GLN C 127 -3.46 -8.74 14.04
CA GLN C 127 -4.75 -8.45 14.63
C GLN C 127 -5.15 -9.43 15.73
N LEU C 128 -5.68 -8.89 16.83
CA LEU C 128 -6.31 -9.72 17.85
C LEU C 128 -7.65 -10.20 17.31
N HIS C 129 -7.87 -11.51 17.38
CA HIS C 129 -8.97 -12.14 16.70
C HIS C 129 -10.29 -12.02 17.45
N ALA C 130 -10.21 -11.81 18.74
CA ALA C 130 -11.39 -11.58 19.58
C ALA C 130 -10.98 -10.82 20.82
N PHE C 131 -11.95 -10.33 21.56
CA PHE C 131 -11.64 -9.60 22.78
C PHE C 131 -11.43 -10.54 23.94
N ASP C 132 -10.30 -10.40 24.62
CA ASP C 132 -10.00 -11.15 25.83
C ASP C 132 -10.27 -10.27 27.05
N ALA C 133 -11.42 -10.44 27.66
CA ALA C 133 -11.77 -9.64 28.81
C ALA C 133 -10.95 -10.00 30.05
N MET C 134 -10.23 -11.11 30.01
CA MET C 134 -9.48 -11.56 31.17
C MET C 134 -8.08 -10.94 31.28
N THR C 135 -7.61 -10.27 30.24
CA THR C 135 -6.29 -9.64 30.25
C THR C 135 -6.48 -8.12 30.17
N PRO C 136 -5.79 -7.34 31.02
CA PRO C 136 -6.01 -5.89 30.96
C PRO C 136 -5.55 -5.34 29.62
N VAL C 137 -6.32 -4.39 29.07
CA VAL C 137 -5.97 -3.86 27.75
C VAL C 137 -4.61 -3.17 27.80
N GLU C 138 -4.26 -2.61 28.95
CA GLU C 138 -2.95 -1.98 29.14
C GLU C 138 -1.80 -2.97 28.96
N GLN C 139 -1.99 -4.19 29.46
CA GLN C 139 -0.99 -5.23 29.28
C GLN C 139 -0.88 -5.67 27.82
N VAL C 140 -2.03 -5.93 27.19
CA VAL C 140 -2.09 -6.35 25.80
C VAL C 140 -1.36 -5.32 24.91
N LEU C 141 -1.71 -4.06 25.10
CA LEU C 141 -1.11 -2.99 24.29
C LEU C 141 0.40 -2.85 24.51
N GLY C 142 0.84 -3.10 25.73
CA GLY C 142 2.27 -3.09 26.05
C GLY C 142 3.00 -4.19 25.31
N THR C 143 2.41 -5.38 25.29
CA THR C 143 3.01 -6.51 24.62
C THR C 143 3.09 -6.25 23.10
N LEU C 144 1.99 -5.77 22.53
CA LEU C 144 1.96 -5.42 21.10
C LEU C 144 2.99 -4.31 20.76
N ASP C 145 3.07 -3.30 21.61
CA ASP C 145 4.04 -2.22 21.42
C ASP C 145 5.47 -2.76 21.39
N ASP C 146 5.76 -3.70 22.30
CA ASP C 146 7.08 -4.35 22.33
C ASP C 146 7.38 -5.13 21.03
N LEU C 147 6.37 -5.82 20.51
CA LEU C 147 6.52 -6.57 19.25
C LEU C 147 6.78 -5.64 18.08
N VAL C 148 6.10 -4.48 18.09
CA VAL C 148 6.31 -3.48 17.04
C VAL C 148 7.74 -2.92 17.13
N ARG C 149 8.13 -2.51 18.33
CA ARG C 149 9.48 -1.96 18.56
C ARG C 149 10.59 -2.96 18.20
N ALA C 150 10.35 -4.24 18.45
CA ALA C 150 11.30 -5.29 18.07
C ALA C 150 11.36 -5.54 16.57
N GLY C 151 10.46 -4.94 15.80
CA GLY C 151 10.47 -5.11 14.33
C GLY C 151 9.69 -6.30 13.82
N LYS C 152 9.00 -6.99 14.72
CA LYS C 152 8.26 -8.19 14.36
C LYS C 152 6.90 -7.91 13.74
N VAL C 153 6.38 -6.70 13.99
CA VAL C 153 5.06 -6.30 13.55
C VAL C 153 5.16 -4.84 13.16
N ARG C 154 4.54 -4.47 12.04
CA ARG C 154 4.51 -3.06 11.63
C ARG C 154 3.27 -2.34 12.14
N TYR C 155 2.10 -2.92 11.91
CA TYR C 155 0.82 -2.30 12.29
C TYR C 155 -0.03 -3.29 13.06
N ILE C 156 -0.88 -2.77 13.95
CA ILE C 156 -1.75 -3.62 14.74
C ILE C 156 -3.22 -3.33 14.49
N GLY C 157 -4.02 -4.33 14.76
CA GLY C 157 -5.47 -4.21 14.61
C GLY C 157 -6.21 -5.21 15.47
N LEU C 158 -7.52 -5.28 15.23
CA LEU C 158 -8.39 -6.12 16.03
C LEU C 158 -9.54 -6.63 15.19
N SER C 159 -10.27 -7.58 15.77
CA SER C 159 -11.48 -8.11 15.17
C SER C 159 -12.47 -8.46 16.30
N ASN C 160 -13.75 -8.19 16.06
CA ASN C 160 -14.83 -8.67 16.93
C ASN C 160 -14.85 -8.04 18.32
N PHE C 161 -14.38 -6.80 18.42
CA PHE C 161 -14.50 -6.04 19.64
C PHE C 161 -15.83 -5.29 19.65
N SER C 162 -16.42 -5.12 20.83
CA SER C 162 -17.50 -4.15 20.99
C SER C 162 -16.94 -2.74 20.79
N GLY C 163 -17.82 -1.81 20.48
CA GLY C 163 -17.47 -0.39 20.41
C GLY C 163 -16.74 0.10 21.65
N TRP C 164 -17.27 -0.21 22.82
CA TRP C 164 -16.66 0.25 24.07
C TRP C 164 -15.29 -0.36 24.31
N GLN C 165 -15.10 -1.60 23.89
CA GLN C 165 -13.82 -2.29 24.09
C GLN C 165 -12.74 -1.72 23.20
N LEU C 166 -13.09 -1.46 21.96
CA LEU C 166 -12.14 -0.85 21.03
C LEU C 166 -11.79 0.56 21.49
N MET C 167 -12.80 1.34 21.89
CA MET C 167 -12.53 2.70 22.36
C MET C 167 -11.66 2.71 23.62
N LYS C 168 -11.95 1.79 24.53
CA LYS C 168 -11.14 1.65 25.73
C LYS C 168 -9.65 1.41 25.37
N SER C 169 -9.43 0.53 24.40
CA SER C 169 -8.08 0.19 23.96
C SER C 169 -7.38 1.37 23.27
N LEU C 170 -8.11 2.08 22.41
CA LEU C 170 -7.54 3.24 21.72
C LEU C 170 -7.17 4.35 22.72
N ALA C 171 -8.04 4.59 23.69
CA ALA C 171 -7.76 5.63 24.69
C ALA C 171 -6.54 5.22 25.53
N ALA C 172 -6.47 3.95 25.92
CA ALA C 172 -5.33 3.48 26.70
C ALA C 172 -4.00 3.63 25.91
N ALA C 173 -4.02 3.25 24.64
CA ALA C 173 -2.83 3.37 23.79
C ALA C 173 -2.33 4.82 23.75
N ASP C 174 -3.26 5.74 23.50
CA ASP C 174 -2.91 7.14 23.44
C ASP C 174 -2.38 7.66 24.77
N ARG C 175 -3.03 7.28 25.85
CA ARG C 175 -2.63 7.74 27.15
C ARG C 175 -1.23 7.22 27.52
N LEU C 176 -0.94 5.98 27.16
CA LEU C 176 0.33 5.34 27.51
C LEU C 176 1.43 5.52 26.47
N GLY C 177 1.11 6.20 25.38
CA GLY C 177 2.07 6.38 24.30
C GLY C 177 2.44 5.09 23.59
N LEU C 178 1.49 4.18 23.46
CA LEU C 178 1.73 2.92 22.81
C LEU C 178 1.10 2.92 21.41
N GLN C 179 1.40 1.91 20.62
CA GLN C 179 0.81 1.76 19.29
C GLN C 179 -0.70 1.61 19.39
N ARG C 180 -1.41 2.23 18.46
CA ARG C 180 -2.85 2.09 18.40
C ARG C 180 -3.31 1.23 17.25
N TYR C 181 -4.50 0.65 17.42
CA TYR C 181 -5.11 -0.14 16.38
C TYR C 181 -5.42 0.76 15.18
N VAL C 182 -5.11 0.27 13.99
CA VAL C 182 -5.42 1.00 12.75
C VAL C 182 -6.35 0.23 11.81
N ALA C 183 -6.57 -1.04 12.11
CA ALA C 183 -7.37 -1.93 11.26
C ALA C 183 -8.37 -2.66 12.12
N ASN C 184 -9.61 -2.66 11.66
CA ASN C 184 -10.67 -3.49 12.20
C ASN C 184 -11.09 -4.50 11.15
N GLN C 185 -10.77 -5.76 11.41
CA GLN C 185 -11.23 -6.86 10.56
C GLN C 185 -12.65 -7.18 10.90
N THR C 186 -13.56 -6.72 10.07
CA THR C 186 -14.96 -6.77 10.40
C THR C 186 -15.78 -7.49 9.36
N TYR C 187 -16.82 -8.15 9.84
CA TYR C 187 -17.89 -8.62 8.98
C TYR C 187 -18.70 -7.42 8.56
N TYR C 188 -18.90 -7.28 7.26
CA TYR C 188 -19.77 -6.24 6.73
C TYR C 188 -20.23 -6.67 5.36
N SER C 189 -21.53 -6.56 5.13
CA SER C 189 -22.11 -6.87 3.82
C SER C 189 -23.50 -6.29 3.73
N LEU C 190 -24.04 -6.28 2.50
CA LEU C 190 -25.42 -5.83 2.29
C LEU C 190 -26.42 -6.51 3.20
N ILE C 191 -26.22 -7.78 3.52
CA ILE C 191 -27.12 -8.47 4.46
C ILE C 191 -26.63 -8.48 5.91
N GLY C 192 -25.51 -7.82 6.19
CA GLY C 192 -24.96 -7.75 7.55
C GLY C 192 -24.36 -6.38 7.76
N ARG C 193 -25.23 -5.42 8.05
CA ARG C 193 -24.85 -4.03 8.13
C ARG C 193 -24.59 -3.52 9.57
N ASP C 194 -24.52 -4.44 10.53
CA ASP C 194 -24.41 -4.12 11.96
C ASP C 194 -23.16 -3.29 12.27
N TYR C 195 -22.08 -3.50 11.50
CA TYR C 195 -20.87 -2.69 11.58
C TYR C 195 -21.19 -1.17 11.62
N GLU C 196 -22.29 -0.77 11.01
CA GLU C 196 -22.66 0.64 10.93
C GLU C 196 -23.07 1.29 12.25
N TRP C 197 -23.47 0.51 13.26
CA TRP C 197 -24.10 1.08 14.46
CA TRP C 197 -24.08 1.13 14.42
C TRP C 197 -23.07 1.75 15.38
N GLU C 198 -22.03 1.00 15.72
CA GLU C 198 -20.97 1.45 16.67
C GLU C 198 -19.64 1.51 16.00
N LEU C 199 -19.27 0.43 15.32
CA LEU C 199 -17.89 0.25 14.88
C LEU C 199 -17.48 1.22 13.76
N MET C 200 -18.38 1.47 12.82
CA MET C 200 -18.10 2.43 11.76
C MET C 200 -17.92 3.85 12.30
N PRO C 201 -18.87 4.36 13.11
CA PRO C 201 -18.66 5.74 13.53
C PRO C 201 -17.46 5.88 14.47
N LEU C 202 -17.16 4.84 15.24
CA LEU C 202 -15.93 4.80 16.03
C LEU C 202 -14.69 4.87 15.13
N GLY C 203 -14.72 4.07 14.07
CA GLY C 203 -13.62 4.02 13.10
C GLY C 203 -13.39 5.35 12.41
N ILE C 204 -14.47 6.04 12.11
CA ILE C 204 -14.39 7.39 11.55
C ILE C 204 -13.77 8.34 12.59
N ASP C 205 -14.28 8.30 13.81
CA ASP C 205 -13.83 9.21 14.86
C ASP C 205 -12.37 8.98 15.22
N GLN C 206 -11.93 7.72 15.23
CA GLN C 206 -10.63 7.37 15.77
C GLN C 206 -9.61 6.90 14.73
N GLY C 207 -9.95 6.98 13.45
CA GLY C 207 -8.98 6.62 12.41
C GLY C 207 -8.63 5.14 12.31
N VAL C 208 -9.66 4.30 12.40
CA VAL C 208 -9.48 2.86 12.28
C VAL C 208 -10.17 2.43 10.99
N GLY C 209 -9.42 1.80 10.11
CA GLY C 209 -9.95 1.41 8.79
C GLY C 209 -10.45 -0.01 8.83
N ALA C 210 -11.53 -0.27 8.09
CA ALA C 210 -12.12 -1.60 8.03
C ALA C 210 -11.45 -2.45 6.95
N ILE C 211 -11.05 -3.65 7.33
CA ILE C 211 -10.75 -4.70 6.39
C ILE C 211 -11.92 -5.66 6.48
N VAL C 212 -12.67 -5.76 5.40
CA VAL C 212 -13.98 -6.43 5.39
C VAL C 212 -13.89 -7.89 4.97
N TRP C 213 -14.47 -8.75 5.80
CA TRP C 213 -14.57 -10.18 5.52
C TRP C 213 -16.02 -10.61 5.39
N SER C 214 -16.18 -11.78 4.77
CA SER C 214 -17.47 -12.30 4.31
C SER C 214 -18.32 -11.24 3.62
N PRO C 215 -17.74 -10.54 2.63
CA PRO C 215 -18.47 -9.47 1.95
C PRO C 215 -19.74 -9.93 1.19
N LEU C 216 -19.81 -11.22 0.87
CA LEU C 216 -21.00 -11.78 0.21
C LEU C 216 -21.95 -12.44 1.21
N GLY C 217 -21.76 -12.14 2.50
CA GLY C 217 -22.56 -12.71 3.58
C GLY C 217 -22.57 -14.23 3.62
N TRP C 218 -21.37 -14.81 3.56
CA TRP C 218 -21.17 -16.28 3.52
C TRP C 218 -21.81 -16.92 2.30
N GLY C 219 -21.54 -16.35 1.13
CA GLY C 219 -22.05 -16.91 -0.13
C GLY C 219 -23.51 -16.63 -0.43
N ARG C 220 -24.19 -15.90 0.45
CA ARG C 220 -25.61 -15.61 0.27
C ARG C 220 -25.92 -14.54 -0.79
N LEU C 221 -24.94 -13.70 -1.13
CA LEU C 221 -25.12 -12.62 -2.13
C LEU C 221 -24.49 -12.93 -3.49
N THR C 222 -24.37 -14.22 -3.79
CA THR C 222 -23.78 -14.67 -5.04
C THR C 222 -24.78 -14.71 -6.20
N GLY C 223 -26.06 -14.76 -5.86
CA GLY C 223 -27.11 -15.00 -6.87
C GLY C 223 -27.57 -16.45 -6.90
N LYS C 224 -26.78 -17.34 -6.31
CA LYS C 224 -27.15 -18.74 -6.21
C LYS C 224 -28.41 -18.92 -5.38
N ILE C 225 -28.65 -18.02 -4.42
CA ILE C 225 -29.84 -18.06 -3.60
C ILE C 225 -30.84 -16.97 -3.99
N ARG C 226 -32.05 -17.39 -4.34
CA ARG C 226 -33.07 -16.48 -4.86
C ARG C 226 -34.47 -17.06 -4.60
N ARG C 227 -35.50 -16.22 -4.68
CA ARG C 227 -36.88 -16.68 -4.42
C ARG C 227 -37.39 -17.69 -5.45
N GLY C 242 -21.30 -18.98 12.34
CA GLY C 242 -20.74 -18.78 13.68
C GLY C 242 -20.70 -17.35 14.19
N PHE C 243 -20.53 -16.40 13.27
CA PHE C 243 -20.29 -14.97 13.58
C PHE C 243 -21.48 -14.05 13.32
N ALA C 244 -22.38 -14.47 12.45
CA ALA C 244 -23.51 -13.63 12.11
C ALA C 244 -24.80 -14.33 12.38
N PRO C 245 -25.77 -13.59 12.91
CA PRO C 245 -27.14 -14.08 12.96
C PRO C 245 -27.48 -14.76 11.64
N PRO C 246 -28.19 -15.88 11.70
CA PRO C 246 -28.76 -16.38 10.45
C PRO C 246 -29.68 -15.31 9.87
N VAL C 247 -29.79 -15.26 8.55
CA VAL C 247 -30.57 -14.22 7.88
C VAL C 247 -31.94 -14.79 7.52
N ASP C 248 -33.00 -14.00 7.72
CA ASP C 248 -34.35 -14.43 7.35
C ASP C 248 -34.47 -14.47 5.83
N ASP C 249 -35.02 -15.58 5.33
CA ASP C 249 -35.20 -15.80 3.90
C ASP C 249 -35.85 -14.61 3.19
N GLU C 250 -36.90 -14.06 3.78
CA GLU C 250 -37.67 -12.98 3.15
C GLU C 250 -36.81 -11.74 2.95
N ARG C 251 -36.01 -11.41 3.96
CA ARG C 251 -35.08 -10.28 3.84
C ARG C 251 -33.99 -10.49 2.80
N LEU C 252 -33.38 -11.68 2.82
CA LEU C 252 -32.40 -12.03 1.80
C LEU C 252 -32.98 -11.86 0.39
N TYR C 253 -34.18 -12.42 0.19
CA TYR C 253 -34.81 -12.36 -1.13
C TYR C 253 -35.13 -10.92 -1.56
N ARG C 254 -35.48 -10.06 -0.62
CA ARG C 254 -35.72 -8.64 -0.90
C ARG C 254 -34.41 -7.96 -1.33
N VAL C 255 -33.32 -8.28 -0.66
CA VAL C 255 -32.02 -7.73 -1.03
C VAL C 255 -31.59 -8.24 -2.42
N VAL C 256 -31.72 -9.55 -2.65
CA VAL C 256 -31.41 -10.14 -3.97
C VAL C 256 -32.27 -9.52 -5.07
N ASP C 257 -33.56 -9.29 -4.81
CA ASP C 257 -34.44 -8.57 -5.78
C ASP C 257 -33.86 -7.24 -6.19
N ALA C 258 -33.43 -6.46 -5.20
CA ALA C 258 -32.87 -5.13 -5.46
C ALA C 258 -31.55 -5.25 -6.22
N MET C 259 -30.75 -6.24 -5.88
CA MET C 259 -29.50 -6.48 -6.59
C MET C 259 -29.76 -6.87 -8.05
N ASP C 260 -30.77 -7.71 -8.27
CA ASP C 260 -31.17 -8.12 -9.63
C ASP C 260 -31.57 -6.92 -10.47
N GLU C 261 -32.34 -6.02 -9.88
CA GLU C 261 -32.76 -4.82 -10.58
C GLU C 261 -31.53 -3.99 -10.98
N VAL C 262 -30.57 -3.87 -10.06
CA VAL C 262 -29.33 -3.11 -10.32
C VAL C 262 -28.47 -3.83 -11.36
N ALA C 263 -28.46 -5.15 -11.31
CA ALA C 263 -27.74 -5.96 -12.30
C ALA C 263 -28.25 -5.72 -13.72
N LEU C 264 -29.57 -5.56 -13.85
CA LEU C 264 -30.17 -5.21 -15.15
C LEU C 264 -29.72 -3.86 -15.67
N GLU C 265 -29.66 -2.85 -14.80
CA GLU C 265 -29.20 -1.52 -15.19
C GLU C 265 -27.72 -1.50 -15.53
N THR C 266 -26.91 -2.18 -14.74
CA THR C 266 -25.45 -2.03 -14.82
C THR C 266 -24.78 -3.05 -15.72
N GLY C 267 -25.41 -4.21 -15.87
CA GLY C 267 -24.78 -5.36 -16.50
C GLY C 267 -23.74 -6.07 -15.64
N LYS C 268 -23.69 -5.73 -14.36
CA LYS C 268 -22.71 -6.31 -13.44
C LYS C 268 -23.29 -7.49 -12.71
N THR C 269 -22.44 -8.36 -12.21
CA THR C 269 -22.89 -9.55 -11.48
C THR C 269 -23.25 -9.17 -10.04
N LEU C 270 -23.99 -10.05 -9.38
CA LEU C 270 -24.37 -9.82 -8.00
C LEU C 270 -23.15 -9.66 -7.08
N PRO C 271 -22.15 -10.56 -7.18
CA PRO C 271 -20.95 -10.34 -6.37
C PRO C 271 -20.25 -9.00 -6.64
N GLN C 272 -20.19 -8.58 -7.90
CA GLN C 272 -19.58 -7.29 -8.24
C GLN C 272 -20.34 -6.10 -7.65
N ILE C 273 -21.67 -6.20 -7.61
CA ILE C 273 -22.52 -5.18 -7.00
C ILE C 273 -22.31 -5.14 -5.47
N ALA C 274 -22.29 -6.31 -4.84
CA ALA C 274 -22.07 -6.42 -3.40
C ALA C 274 -20.75 -5.78 -3.00
N LEU C 275 -19.69 -6.11 -3.75
CA LEU C 275 -18.37 -5.56 -3.49
C LEU C 275 -18.28 -4.07 -3.76
N ASN C 276 -18.87 -3.62 -4.86
CA ASN C 276 -18.87 -2.21 -5.23
C ASN C 276 -19.60 -1.38 -4.16
N TRP C 277 -20.69 -1.93 -3.65
CA TRP C 277 -21.46 -1.28 -2.60
C TRP C 277 -20.56 -1.09 -1.35
N LEU C 278 -19.86 -2.14 -0.93
CA LEU C 278 -18.95 -2.08 0.24
C LEU C 278 -17.85 -1.04 0.09
N LEU C 279 -17.25 -1.01 -1.09
CA LEU C 279 -16.17 -0.09 -1.38
C LEU C 279 -16.59 1.37 -1.32
N GLN C 280 -17.88 1.64 -1.40
CA GLN C 280 -18.33 3.02 -1.23
C GLN C 280 -18.58 3.40 0.21
N ARG C 281 -18.56 2.45 1.13
CA ARG C 281 -18.99 2.72 2.50
C ARG C 281 -17.87 3.38 3.30
N PRO C 282 -18.22 4.28 4.22
CA PRO C 282 -17.18 4.93 5.03
C PRO C 282 -16.30 3.93 5.77
N THR C 283 -15.02 4.28 5.91
CA THR C 283 -13.95 3.53 6.61
C THR C 283 -13.39 2.32 5.86
N VAL C 284 -14.07 1.83 4.82
CA VAL C 284 -13.64 0.60 4.18
C VAL C 284 -12.30 0.83 3.48
N ALA C 285 -11.28 0.13 3.94
CA ALA C 285 -9.93 0.25 3.33
C ALA C 285 -9.64 -0.90 2.38
N SER C 286 -10.08 -2.09 2.73
CA SER C 286 -9.93 -3.25 1.85
C SER C 286 -11.04 -4.27 2.09
N VAL C 287 -11.38 -5.00 1.04
CA VAL C 287 -12.34 -6.07 1.13
C VAL C 287 -11.64 -7.36 0.74
N LEU C 288 -11.76 -8.37 1.60
CA LEU C 288 -11.10 -9.66 1.38
C LEU C 288 -11.96 -10.52 0.46
N ILE C 289 -11.36 -10.98 -0.61
CA ILE C 289 -12.09 -11.82 -1.55
C ILE C 289 -11.38 -13.17 -1.66
N GLY C 290 -12.06 -14.12 -2.27
CA GLY C 290 -11.51 -15.43 -2.56
C GLY C 290 -11.20 -15.47 -4.04
N ALA C 291 -10.20 -16.26 -4.39
CA ALA C 291 -9.83 -16.41 -5.79
C ALA C 291 -9.14 -17.75 -5.96
N ARG C 292 -9.84 -18.71 -6.55
CA ARG C 292 -9.31 -20.04 -6.81
C ARG C 292 -8.48 -20.04 -8.11
N ASP C 293 -8.75 -19.08 -8.99
CA ASP C 293 -8.08 -19.03 -10.28
C ASP C 293 -8.22 -17.67 -10.91
N GLU C 294 -7.57 -17.51 -12.06
CA GLU C 294 -7.58 -16.26 -12.80
C GLU C 294 -9.00 -15.77 -13.07
N GLU C 295 -9.88 -16.69 -13.46
CA GLU C 295 -11.25 -16.33 -13.84
C GLU C 295 -12.01 -15.74 -12.66
N GLN C 296 -11.91 -16.39 -11.51
CA GLN C 296 -12.57 -15.91 -10.29
C GLN C 296 -11.98 -14.57 -9.82
N LEU C 297 -10.67 -14.45 -9.88
CA LEU C 297 -10.01 -13.20 -9.52
C LEU C 297 -10.49 -12.07 -10.42
N MET C 298 -10.55 -12.34 -11.72
CA MET C 298 -11.00 -11.35 -12.70
C MET C 298 -12.44 -10.91 -12.44
N GLN C 299 -13.31 -11.85 -12.08
CA GLN C 299 -14.70 -11.53 -11.72
C GLN C 299 -14.74 -10.52 -10.57
N ASN C 300 -13.98 -10.81 -9.51
CA ASN C 300 -13.89 -9.91 -8.37
C ASN C 300 -13.29 -8.55 -8.68
N LEU C 301 -12.27 -8.52 -9.54
CA LEU C 301 -11.68 -7.25 -9.98
C LEU C 301 -12.69 -6.41 -10.77
N GLY C 302 -13.72 -7.06 -11.32
CA GLY C 302 -14.84 -6.36 -11.96
C GLY C 302 -15.67 -5.49 -11.02
N ALA C 303 -15.41 -5.56 -9.72
CA ALA C 303 -15.96 -4.64 -8.73
C ALA C 303 -15.36 -3.24 -8.85
N LEU C 304 -14.18 -3.16 -9.47
CA LEU C 304 -13.42 -1.91 -9.59
C LEU C 304 -13.64 -1.29 -10.97
N GLY C 305 -13.43 0.01 -11.10
CA GLY C 305 -13.47 0.68 -12.41
C GLY C 305 -14.83 1.25 -12.80
N TRP C 306 -15.79 1.19 -11.88
CA TRP C 306 -17.13 1.75 -12.08
C TRP C 306 -17.70 1.99 -10.68
N GLN C 307 -18.84 2.70 -10.63
CA GLN C 307 -19.47 3.04 -9.36
C GLN C 307 -20.97 2.91 -9.47
N LEU C 308 -21.56 2.24 -8.49
CA LEU C 308 -22.98 2.32 -8.28
C LEU C 308 -23.36 3.79 -8.14
N THR C 309 -24.48 4.18 -8.76
CA THR C 309 -24.96 5.55 -8.67
C THR C 309 -25.60 5.78 -7.31
N THR C 310 -25.78 7.06 -6.97
CA THR C 310 -26.46 7.45 -5.74
C THR C 310 -27.80 6.72 -5.61
N GLU C 311 -28.54 6.69 -6.71
CA GLU C 311 -29.87 6.10 -6.73
C GLU C 311 -29.80 4.58 -6.51
N GLN C 312 -28.83 3.95 -7.15
CA GLN C 312 -28.65 2.51 -7.01
C GLN C 312 -28.26 2.15 -5.57
N VAL C 313 -27.35 2.91 -4.99
CA VAL C 313 -26.96 2.71 -3.59
C VAL C 313 -28.18 2.91 -2.67
N ALA C 314 -28.97 3.94 -2.95
CA ALA C 314 -30.15 4.22 -2.13
C ALA C 314 -31.16 3.06 -2.20
N ARG C 315 -31.32 2.49 -3.39
CA ARG C 315 -32.19 1.35 -3.60
C ARG C 315 -31.67 0.14 -2.81
N LEU C 316 -30.37 -0.10 -2.87
CA LEU C 316 -29.77 -1.22 -2.14
C LEU C 316 -29.85 -1.01 -0.62
N ASP C 317 -29.65 0.22 -0.19
CA ASP C 317 -29.72 0.55 1.22
C ASP C 317 -31.13 0.36 1.76
N ALA C 318 -32.12 0.75 0.96
CA ALA C 318 -33.52 0.63 1.40
C ALA C 318 -33.90 -0.82 1.55
N ALA C 319 -33.49 -1.65 0.59
CA ALA C 319 -33.80 -3.08 0.60
C ALA C 319 -33.12 -3.81 1.77
N SER C 320 -31.90 -3.38 2.09
CA SER C 320 -31.10 -4.03 3.14
C SER C 320 -31.26 -3.42 4.54
N ALA C 321 -31.99 -2.32 4.64
CA ALA C 321 -32.14 -1.62 5.91
C ALA C 321 -32.80 -2.52 6.96
N VAL C 322 -32.28 -2.46 8.18
CA VAL C 322 -32.89 -3.13 9.31
C VAL C 322 -33.10 -2.11 10.43
N THR C 323 -34.04 -2.42 11.31
CA THR C 323 -34.33 -1.51 12.43
C THR C 323 -33.13 -1.46 13.35
N PRO C 324 -32.55 -0.28 13.55
CA PRO C 324 -31.42 -0.18 14.46
C PRO C 324 -31.82 -0.47 15.92
N PRO C 325 -30.96 -1.14 16.67
CA PRO C 325 -31.20 -1.31 18.10
C PRO C 325 -31.15 0.01 18.87
N TYR C 326 -31.63 -0.01 20.09
CA TYR C 326 -31.35 1.05 21.06
C TYR C 326 -29.84 0.97 21.43
N PRO C 327 -29.09 2.08 21.58
CA PRO C 327 -29.58 3.46 21.56
C PRO C 327 -29.46 4.18 20.21
N TYR C 328 -29.14 3.46 19.15
CA TYR C 328 -28.90 4.04 17.81
C TYR C 328 -30.21 4.52 17.18
N TYR C 329 -31.27 3.82 17.50
CA TYR C 329 -32.59 4.03 16.90
C TYR C 329 -33.04 5.51 16.77
N PRO C 330 -33.04 6.28 17.87
CA PRO C 330 -33.50 7.67 17.74
C PRO C 330 -32.55 8.59 16.96
N TYR C 331 -31.32 8.18 16.75
CA TYR C 331 -30.44 8.92 15.86
C TYR C 331 -30.75 8.58 14.41
N TRP C 332 -30.94 7.29 14.14
CA TRP C 332 -31.23 6.81 12.79
C TRP C 332 -32.60 7.25 12.27
N ASN C 333 -33.56 7.43 13.16
CA ASN C 333 -34.90 7.82 12.74
C ASN C 333 -35.07 9.34 12.72
N GLY C 334 -34.01 10.06 13.05
CA GLY C 334 -33.95 11.50 12.87
C GLY C 334 -34.14 12.33 14.13
N GLN C 335 -34.71 11.73 15.16
CA GLN C 335 -35.00 12.44 16.42
C GLN C 335 -33.80 13.19 17.04
N PHE C 336 -32.66 12.49 17.16
CA PHE C 336 -31.44 13.07 17.73
C PHE C 336 -30.35 13.28 16.68
N ALA C 337 -30.73 13.24 15.41
CA ALA C 337 -29.76 13.33 14.30
C ALA C 337 -29.13 14.72 14.16
N GLU C 338 -29.82 15.77 14.59
CA GLU C 338 -29.28 17.13 14.44
C GLU C 338 -27.81 17.25 14.90
N ARG C 339 -27.56 16.87 16.13
CA ARG C 339 -26.26 17.02 16.74
C ARG C 339 -25.38 15.77 16.63
N SER C 340 -25.92 14.68 16.08
CA SER C 340 -25.11 13.46 15.97
C SER C 340 -25.57 12.64 14.75
N PRO C 341 -25.22 13.12 13.55
CA PRO C 341 -25.74 12.49 12.38
C PRO C 341 -25.13 11.10 12.18
N VAL C 342 -25.83 10.28 11.43
CA VAL C 342 -25.40 8.96 11.10
C VAL C 342 -24.50 9.06 9.86
N ALA C 343 -23.45 8.25 9.80
CA ALA C 343 -22.46 8.28 8.67
C ALA C 343 -22.94 7.78 7.31
N VAL C 344 -23.95 6.94 7.31
CA VAL C 344 -24.53 6.43 6.07
C VAL C 344 -26.01 6.78 5.96
CL CL D . -13.64 45.64 3.86
CL CL E . 5.03 33.15 33.99
NA NA F . -17.10 19.89 17.00
CL CL G . 19.58 -27.88 -29.46
NA NA H . 29.32 -45.93 -8.55
CL CL I . -18.79 -14.26 1.77
CL CL J . -1.16 -7.19 34.22
NA NA K . -3.43 9.89 8.55
#